data_4HM7
#
_entry.id   4HM7
#
_cell.length_a   139.835
_cell.length_b   139.835
_cell.length_c   208.029
_cell.angle_alpha   90.000
_cell.angle_beta   90.000
_cell.angle_gamma   120.000
#
_symmetry.space_group_name_H-M   'H 3 2'
#
loop_
_entity.id
_entity.type
_entity.pdbx_description
1 polymer 'Naphthalene 1,2-dioxygenase subunit alpha'
2 polymer 'Naphthalene 1,2-dioxygenase subunit beta'
3 non-polymer 1,2-ETHANEDIOL
4 non-polymer 'SULFATE ION'
5 non-polymer 'FE2/S2 (INORGANIC) CLUSTER'
6 non-polymer 'FE (III) ION'
7 non-polymer ethenylbenzene
8 water water
#
loop_
_entity_poly.entity_id
_entity_poly.type
_entity_poly.pdbx_seq_one_letter_code
_entity_poly.pdbx_strand_id
1 'polypeptide(L)'
;MNYNNKILVSESGLSQKHLIHGDEELFQHELKTIFARNWLFLTHDSLIPAPGDYVTAKMGIDEVIVSRQNDGSIRAFLNV
CRHRGKTLVSVEAGNAKGFVCSYHGWGFGSNGELQSVPFEKDLYGESLNKKCLGLKEVARVESFHGFIYGCFDQEAPPLM
DYLGDAAWYLEPMFKHSGGLELVGPPGKVVIKANWKAPAENFVGDAYHVGWTHASSLRSGESIFSSLAGNAALPPEGAGL
QMTSKYGSGMGVLWDGYSGVHSADLVPELMAFGGAKQERLNKEIGDVRARIYRSHLNCTVFPNNSMLTCSGVFKVWNPID
ANTTEVWTYAIVEKDMPEDLKRRLADSVQRTFGPAGFWESDDNDNMETASQNGKKYQSRDSDLLSNLGFGEDVYGDAVYP
GVVGKSAIGETSYRGFYRAYQAHVSSSNWAEFEHASSTWHTELTKTTDR
;
A
2 'polypeptide(L)'
;MMINIQEDKLVSAHDAEEILRFFNCHDSALQQEATTLLTQEAHLLDIQAYRAWLEHCVGSEVQYQVISRELRAASERRYK
LNEAMNVYNENFQQLKVRVEHQLDPQNWGNSPKLRFTRFITNVQAAMDVNDKELLHIRSNVILHRARRGNQVDVFYAARE
DKWKRGEGGVRKLVQRFVDYPERILQTHNLMVFL
;
B
#
# COMPACT_ATOMS: atom_id res chain seq x y z
N MET A 1 30.50 -7.38 9.99
CA MET A 1 30.72 -7.30 8.55
C MET A 1 31.29 -5.93 8.17
N ASN A 2 32.34 -5.92 7.35
CA ASN A 2 32.93 -4.67 6.89
C ASN A 2 32.25 -4.19 5.61
N TYR A 3 31.41 -3.15 5.73
CA TYR A 3 30.60 -2.73 4.60
C TYR A 3 31.38 -1.97 3.53
N ASN A 4 32.59 -1.53 3.88
CA ASN A 4 33.47 -0.92 2.89
C ASN A 4 33.97 -1.94 1.86
N ASN A 5 34.17 -3.17 2.31
CA ASN A 5 34.86 -4.19 1.53
C ASN A 5 33.94 -5.31 1.04
N LYS A 6 32.94 -5.66 1.84
CA LYS A 6 32.08 -6.80 1.53
C LYS A 6 31.33 -6.58 0.22
N ILE A 7 31.52 -7.51 -0.71
CA ILE A 7 30.79 -7.49 -1.96
C ILE A 7 29.43 -8.12 -1.73
N LEU A 8 28.42 -7.29 -1.47
CA LEU A 8 27.04 -7.77 -1.31
C LEU A 8 26.32 -7.82 -2.65
N VAL A 9 26.75 -6.97 -3.57
CA VAL A 9 26.20 -6.93 -4.92
C VAL A 9 27.38 -7.01 -5.88
N SER A 10 27.34 -7.95 -6.81
CA SER A 10 28.47 -8.14 -7.72
C SER A 10 28.50 -7.06 -8.80
N GLU A 11 29.61 -7.00 -9.53
CA GLU A 11 29.78 -6.01 -10.60
C GLU A 11 28.59 -6.05 -11.56
N SER A 12 28.15 -4.86 -11.98
CA SER A 12 27.03 -4.69 -12.90
C SER A 12 25.67 -5.08 -12.29
N GLY A 13 25.65 -5.31 -10.99
CA GLY A 13 24.43 -5.70 -10.29
C GLY A 13 23.91 -7.07 -10.67
N LEU A 14 24.81 -7.94 -11.14
CA LEU A 14 24.40 -9.23 -11.71
C LEU A 14 23.87 -10.21 -10.68
N SER A 15 24.29 -10.05 -9.43
CA SER A 15 23.85 -10.92 -8.35
C SER A 15 23.96 -10.21 -7.01
N GLN A 16 23.25 -10.73 -6.01
CA GLN A 16 23.30 -10.19 -4.65
C GLN A 16 23.39 -11.35 -3.69
N LYS A 17 24.15 -11.19 -2.60
CA LYS A 17 24.16 -12.21 -1.56
C LYS A 17 22.78 -12.32 -0.90
N HIS A 18 22.29 -13.54 -0.75
CA HIS A 18 20.96 -13.77 -0.22
C HIS A 18 20.82 -13.19 1.19
N LEU A 19 21.92 -13.11 1.93
CA LEU A 19 21.87 -12.56 3.29
C LEU A 19 21.31 -11.14 3.35
N ILE A 20 21.35 -10.41 2.23
CA ILE A 20 20.86 -9.03 2.28
C ILE A 20 19.38 -8.98 2.67
N HIS A 21 18.62 -10.06 2.45
CA HIS A 21 17.21 -10.07 2.84
C HIS A 21 16.97 -10.54 4.27
N GLY A 22 18.03 -10.99 4.93
CA GLY A 22 17.86 -11.57 6.26
C GLY A 22 18.73 -11.01 7.37
N ASP A 23 19.81 -10.33 7.03
CA ASP A 23 20.83 -9.99 8.02
C ASP A 23 20.43 -8.76 8.85
N GLU A 24 20.25 -8.92 10.15
CA GLU A 24 19.78 -7.81 10.98
C GLU A 24 20.84 -6.73 11.17
N GLU A 25 22.11 -7.11 11.20
CA GLU A 25 23.16 -6.10 11.31
C GLU A 25 23.16 -5.22 10.06
N LEU A 26 22.98 -5.83 8.90
CA LEU A 26 22.86 -5.06 7.67
C LEU A 26 21.61 -4.19 7.67
N PHE A 27 20.50 -4.71 8.21
CA PHE A 27 19.30 -3.89 8.34
C PHE A 27 19.61 -2.63 9.15
N GLN A 28 20.30 -2.79 10.27
CA GLN A 28 20.67 -1.65 11.10
C GLN A 28 21.56 -0.68 10.31
N HIS A 29 22.46 -1.23 9.50
CA HIS A 29 23.35 -0.42 8.67
C HIS A 29 22.56 0.33 7.59
N GLU A 30 21.50 -0.30 7.08
CA GLU A 30 20.63 0.34 6.09
C GLU A 30 19.88 1.53 6.68
N LEU A 31 19.56 1.47 7.98
CA LEU A 31 18.89 2.62 8.61
C LEU A 31 19.75 3.86 8.42
N LYS A 32 21.06 3.69 8.55
CA LYS A 32 22.01 4.79 8.35
C LYS A 32 22.28 5.14 6.88
N THR A 33 22.63 4.14 6.07
CA THR A 33 23.14 4.40 4.72
C THR A 33 22.08 4.39 3.63
N ILE A 34 20.90 3.88 3.94
CA ILE A 34 19.79 3.91 2.97
C ILE A 34 18.71 4.88 3.43
N PHE A 35 18.11 4.61 4.59
CA PHE A 35 16.93 5.37 5.00
C PHE A 35 17.22 6.77 5.55
N ALA A 36 18.34 6.95 6.23
CA ALA A 36 18.67 8.29 6.74
C ALA A 36 19.32 9.18 5.66
N ARG A 37 19.63 8.56 4.52
CA ARG A 37 20.38 9.26 3.47
C ARG A 37 19.53 9.64 2.27
N ASN A 38 18.49 8.86 1.98
CA ASN A 38 17.76 8.99 0.74
C ASN A 38 16.37 9.61 0.89
N TRP A 39 15.72 9.88 -0.24
CA TRP A 39 14.39 10.49 -0.23
C TRP A 39 13.32 9.43 -0.01
N LEU A 40 12.41 9.71 0.90
CA LEU A 40 11.38 8.76 1.33
C LEU A 40 10.01 9.40 1.19
N PHE A 41 9.02 8.60 0.77
CA PHE A 41 7.71 9.17 0.53
C PHE A 41 6.98 9.50 1.82
N LEU A 42 6.38 10.68 1.88
CA LEU A 42 5.64 11.12 3.06
C LEU A 42 4.13 11.14 2.86
N THR A 43 3.68 11.96 1.90
CA THR A 43 2.25 12.17 1.72
C THR A 43 2.02 12.88 0.40
N HIS A 44 0.78 13.28 0.16
CA HIS A 44 0.45 14.04 -1.03
C HIS A 44 -0.25 15.33 -0.61
N ASP A 45 -0.11 16.38 -1.43
CA ASP A 45 -0.86 17.63 -1.22
C ASP A 45 -2.33 17.38 -0.91
N SER A 46 -2.93 16.40 -1.60
CA SER A 46 -4.36 16.12 -1.50
C SER A 46 -4.78 15.59 -0.13
N LEU A 47 -3.81 15.12 0.65
CA LEU A 47 -4.10 14.59 1.99
C LEU A 47 -3.87 15.65 3.06
N ILE A 48 -3.08 16.67 2.75
CA ILE A 48 -2.91 17.79 3.69
C ILE A 48 -3.05 19.15 2.98
N PRO A 49 -4.20 19.41 2.38
CA PRO A 49 -4.31 20.60 1.52
C PRO A 49 -4.40 21.94 2.24
N ALA A 50 -4.92 21.96 3.47
CA ALA A 50 -5.19 23.22 4.15
C ALA A 50 -4.21 23.47 5.30
N PRO A 51 -3.98 24.75 5.65
CA PRO A 51 -3.10 25.07 6.79
C PRO A 51 -3.55 24.34 8.04
N GLY A 52 -2.60 23.71 8.73
CA GLY A 52 -2.91 22.98 9.94
C GLY A 52 -3.15 21.49 9.69
N ASP A 53 -3.43 21.12 8.44
CA ASP A 53 -3.59 19.70 8.14
C ASP A 53 -2.26 18.97 8.37
N TYR A 54 -2.33 17.80 8.97
CA TYR A 54 -1.13 17.01 9.19
C TYR A 54 -1.43 15.53 9.02
N VAL A 55 -0.38 14.75 8.75
CA VAL A 55 -0.46 13.31 8.80
C VAL A 55 0.76 12.82 9.54
N THR A 56 0.72 11.58 10.01
CA THR A 56 1.97 10.93 10.44
C THR A 56 2.47 10.01 9.34
N ALA A 57 3.78 9.81 9.28
CA ALA A 57 4.38 8.95 8.28
C ALA A 57 5.61 8.29 8.88
N LYS A 58 5.99 7.15 8.34
CA LYS A 58 7.29 6.57 8.71
C LYS A 58 8.36 7.07 7.75
N MET A 59 9.57 7.25 8.27
CA MET A 59 10.77 7.45 7.46
C MET A 59 11.75 6.45 8.02
N GLY A 60 11.93 5.33 7.32
CA GLY A 60 12.67 4.24 7.93
C GLY A 60 11.87 3.71 9.10
N ILE A 61 12.52 3.53 10.25
CA ILE A 61 11.79 3.10 11.44
C ILE A 61 11.34 4.30 12.28
N ASP A 62 11.74 5.50 11.87
CA ASP A 62 11.33 6.71 12.58
C ASP A 62 9.93 7.14 12.18
N GLU A 63 9.23 7.82 13.08
CA GLU A 63 7.94 8.39 12.73
C GLU A 63 8.02 9.91 12.69
N VAL A 64 7.38 10.50 11.68
CA VAL A 64 7.37 11.97 11.58
C VAL A 64 5.97 12.51 11.49
N ILE A 65 5.82 13.78 11.89
CA ILE A 65 4.60 14.55 11.70
C ILE A 65 4.84 15.43 10.49
N VAL A 66 3.91 15.43 9.53
CA VAL A 66 4.08 16.18 8.30
C VAL A 66 2.95 17.20 8.23
N SER A 67 3.29 18.49 8.28
CA SER A 67 2.29 19.52 8.53
C SER A 67 2.28 20.63 7.49
N ARG A 68 1.08 20.97 7.03
CA ARG A 68 0.92 22.13 6.15
C ARG A 68 1.02 23.42 6.98
N GLN A 69 1.99 24.25 6.62
CA GLN A 69 2.24 25.52 7.29
C GLN A 69 1.29 26.60 6.79
N ASN A 70 1.18 27.70 7.54
CA ASN A 70 0.32 28.80 7.15
C ASN A 70 0.71 29.42 5.81
N ASP A 71 2.00 29.38 5.49
CA ASP A 71 2.50 30.00 4.25
C ASP A 71 2.33 29.08 3.03
N GLY A 72 1.75 27.90 3.25
CA GLY A 72 1.49 26.98 2.16
C GLY A 72 2.57 25.92 1.98
N SER A 73 3.68 26.07 2.70
CA SER A 73 4.75 25.09 2.62
C SER A 73 4.44 23.90 3.52
N ILE A 74 5.29 22.87 3.44
CA ILE A 74 5.14 21.70 4.28
C ILE A 74 6.44 21.49 5.06
N ARG A 75 6.32 21.26 6.36
CA ARG A 75 7.47 20.91 7.17
C ARG A 75 7.20 19.60 7.89
N ALA A 76 8.25 18.85 8.19
CA ALA A 76 8.08 17.56 8.86
C ALA A 76 9.05 17.47 10.03
N PHE A 77 8.59 16.81 11.11
CA PHE A 77 9.32 16.76 12.36
C PHE A 77 9.22 15.36 12.97
N LEU A 78 10.27 14.93 13.67
CA LEU A 78 10.20 13.70 14.45
C LEU A 78 9.01 13.75 15.39
N ASN A 79 8.26 12.66 15.45
CA ASN A 79 7.10 12.56 16.34
C ASN A 79 7.55 12.18 17.75
N VAL A 80 8.44 13.01 18.30
CA VAL A 80 9.08 12.73 19.58
C VAL A 80 9.20 14.03 20.37
N CYS A 81 8.64 14.05 21.57
CA CYS A 81 8.74 15.22 22.44
C CYS A 81 10.19 15.52 22.87
N ARG A 82 10.55 16.80 22.89
CA ARG A 82 11.91 17.22 23.21
C ARG A 82 12.23 17.18 24.70
N HIS A 83 11.23 16.90 25.53
CA HIS A 83 11.44 16.82 26.98
C HIS A 83 11.94 15.42 27.36
N ARG A 84 11.03 14.47 27.57
CA ARG A 84 11.42 13.11 27.94
C ARG A 84 11.09 12.07 26.87
N GLY A 85 10.89 12.50 25.63
CA GLY A 85 10.89 11.59 24.50
C GLY A 85 9.62 10.80 24.20
N LYS A 86 8.50 11.23 24.77
CA LYS A 86 7.22 10.57 24.53
C LYS A 86 6.77 10.80 23.07
N THR A 87 6.02 9.86 22.50
CA THR A 87 5.46 10.08 21.16
C THR A 87 4.40 11.18 21.21
N LEU A 88 4.57 12.21 20.39
CA LEU A 88 3.74 13.40 20.50
C LEU A 88 2.31 13.18 19.97
N VAL A 89 2.22 12.64 18.76
CA VAL A 89 0.95 12.48 18.04
C VAL A 89 0.59 11.00 17.89
N SER A 90 -0.62 10.64 18.32
CA SER A 90 -1.01 9.23 18.30
C SER A 90 -2.04 8.91 17.23
N VAL A 91 -2.42 9.91 16.44
CA VAL A 91 -3.37 9.68 15.36
C VAL A 91 -2.65 9.71 14.02
N GLU A 92 -3.36 9.40 12.95
CA GLU A 92 -2.76 9.28 11.62
C GLU A 92 -2.93 10.53 10.78
N ALA A 93 -3.99 11.30 11.04
CA ALA A 93 -4.27 12.50 10.29
C ALA A 93 -5.17 13.42 11.11
N GLY A 94 -5.10 14.72 10.82
CA GLY A 94 -6.01 15.66 11.43
C GLY A 94 -5.69 17.09 11.04
N ASN A 95 -6.24 18.03 11.80
CA ASN A 95 -5.96 19.44 11.61
C ASN A 95 -5.76 20.09 12.97
N ALA A 96 -4.63 20.76 13.14
CA ALA A 96 -4.31 21.37 14.42
C ALA A 96 -3.31 22.50 14.23
N LYS A 97 -3.30 23.46 15.14
CA LYS A 97 -2.30 24.53 15.12
C LYS A 97 -1.06 24.13 15.88
N GLY A 98 -1.13 22.98 16.53
CA GLY A 98 -0.03 22.53 17.34
C GLY A 98 -0.31 21.18 17.97
N PHE A 99 0.65 20.69 18.72
CA PHE A 99 0.57 19.36 19.31
C PHE A 99 1.03 19.45 20.75
N VAL A 100 0.19 18.99 21.67
CA VAL A 100 0.53 19.00 23.10
C VAL A 100 0.89 17.60 23.58
N CYS A 101 2.02 17.49 24.27
CA CYS A 101 2.46 16.20 24.80
C CYS A 101 1.63 15.77 26.01
N SER A 102 1.16 14.52 25.99
CA SER A 102 0.31 14.02 27.07
C SER A 102 1.07 13.65 28.34
N TYR A 103 2.39 13.80 28.34
CA TYR A 103 3.17 13.44 29.51
C TYR A 103 3.22 14.64 30.46
N HIS A 104 3.93 15.71 30.08
CA HIS A 104 4.01 16.90 30.94
C HIS A 104 3.40 18.16 30.29
N GLY A 105 2.73 18.01 29.16
CA GLY A 105 1.94 19.09 28.62
C GLY A 105 2.67 20.14 27.80
N TRP A 106 3.90 19.85 27.38
CA TRP A 106 4.62 20.78 26.48
C TRP A 106 3.87 20.94 25.17
N GLY A 107 3.80 22.19 24.68
CA GLY A 107 3.02 22.51 23.50
C GLY A 107 3.90 22.97 22.36
N PHE A 108 3.86 22.22 21.26
CA PHE A 108 4.66 22.56 20.08
C PHE A 108 3.75 23.07 18.98
N GLY A 109 4.26 24.01 18.19
CA GLY A 109 3.48 24.54 17.08
C GLY A 109 3.49 23.59 15.89
N SER A 110 2.61 23.86 14.92
CA SER A 110 2.63 23.16 13.64
C SER A 110 3.95 23.41 12.93
N ASN A 111 4.65 24.46 13.33
CA ASN A 111 5.97 24.77 12.79
C ASN A 111 7.10 24.17 13.62
N GLY A 112 6.76 23.28 14.55
CA GLY A 112 7.76 22.55 15.33
C GLY A 112 8.31 23.31 16.53
N GLU A 113 7.99 24.59 16.65
CA GLU A 113 8.54 25.41 17.72
C GLU A 113 7.94 25.01 19.07
N LEU A 114 8.76 25.01 20.12
CA LEU A 114 8.23 24.85 21.47
C LEU A 114 7.55 26.16 21.87
N GLN A 115 6.23 26.15 21.93
CA GLN A 115 5.47 27.37 22.13
C GLN A 115 5.04 27.59 23.56
N SER A 116 4.79 26.50 24.28
CA SER A 116 4.33 26.65 25.66
C SER A 116 4.79 25.50 26.52
N VAL A 117 5.06 25.82 27.77
CA VAL A 117 5.47 24.86 28.77
C VAL A 117 4.60 25.17 29.99
N PRO A 118 3.89 24.17 30.53
CA PRO A 118 2.98 24.48 31.63
C PRO A 118 3.71 25.09 32.83
N PHE A 119 3.16 26.18 33.34
CA PHE A 119 3.72 26.90 34.49
C PHE A 119 5.18 27.30 34.30
N GLU A 120 5.54 27.67 33.07
CA GLU A 120 6.93 27.96 32.74
C GLU A 120 7.54 28.98 33.69
N LYS A 121 6.84 30.08 33.91
CA LYS A 121 7.35 31.15 34.76
C LYS A 121 7.66 30.66 36.18
N ASP A 122 6.75 29.90 36.76
CA ASP A 122 6.90 29.46 38.14
C ASP A 122 7.97 28.38 38.28
N LEU A 123 8.14 27.58 37.23
CA LEU A 123 9.00 26.41 37.29
C LEU A 123 10.38 26.67 36.71
N TYR A 124 10.42 27.13 35.47
CA TYR A 124 11.70 27.34 34.79
C TYR A 124 12.18 28.78 34.92
N GLY A 125 11.27 29.68 35.26
CA GLY A 125 11.61 31.10 35.26
C GLY A 125 11.92 31.53 33.84
N GLU A 126 13.08 32.17 33.65
CA GLU A 126 13.51 32.58 32.32
C GLU A 126 14.62 31.67 31.79
N SER A 127 14.82 30.53 32.44
CA SER A 127 16.01 29.70 32.17
C SER A 127 15.82 28.68 31.06
N LEU A 128 14.57 28.41 30.67
CA LEU A 128 14.33 27.43 29.62
C LEU A 128 14.47 28.07 28.24
N ASN A 129 15.43 27.60 27.46
CA ASN A 129 15.63 28.16 26.14
C ASN A 129 14.78 27.45 25.08
N LYS A 130 13.51 27.84 25.01
CA LYS A 130 12.55 27.20 24.11
C LYS A 130 12.96 27.26 22.64
N LYS A 131 13.71 28.31 22.29
CA LYS A 131 14.21 28.47 20.92
C LYS A 131 15.09 27.30 20.46
N CYS A 132 15.71 26.63 21.42
CA CYS A 132 16.59 25.50 21.11
C CYS A 132 15.88 24.18 21.31
N LEU A 133 14.58 24.24 21.60
CA LEU A 133 13.85 23.03 21.94
C LEU A 133 12.74 22.71 20.96
N GLY A 134 12.89 23.18 19.73
CA GLY A 134 11.94 22.82 18.68
C GLY A 134 12.04 21.35 18.32
N LEU A 135 10.97 20.79 17.80
CA LEU A 135 10.98 19.39 17.36
C LEU A 135 12.11 19.16 16.35
N LYS A 136 12.71 17.97 16.38
CA LYS A 136 13.81 17.67 15.47
C LYS A 136 13.26 17.63 14.04
N GLU A 137 13.73 18.54 13.19
CA GLU A 137 13.10 18.72 11.89
C GLU A 137 13.77 17.91 10.78
N VAL A 138 12.96 17.34 9.90
CA VAL A 138 13.44 16.69 8.69
C VAL A 138 14.09 17.75 7.82
N ALA A 139 15.37 17.56 7.51
CA ALA A 139 16.17 18.59 6.85
C ALA A 139 15.64 19.01 5.48
N ARG A 140 15.13 18.05 4.72
CA ARG A 140 14.73 18.30 3.34
C ARG A 140 13.32 17.77 3.08
N VAL A 141 12.46 18.63 2.53
CA VAL A 141 11.12 18.23 2.14
C VAL A 141 10.81 18.89 0.79
N GLU A 142 10.56 18.07 -0.22
CA GLU A 142 10.32 18.57 -1.57
C GLU A 142 9.13 17.87 -2.21
N SER A 143 8.60 18.47 -3.27
CA SER A 143 7.42 17.96 -3.92
C SER A 143 7.74 17.58 -5.37
N PHE A 144 7.19 16.44 -5.79
CA PHE A 144 7.19 16.07 -7.20
C PHE A 144 5.71 16.04 -7.62
N HIS A 145 5.25 17.15 -8.19
CA HIS A 145 3.86 17.28 -8.66
C HIS A 145 2.82 16.87 -7.62
N GLY A 146 3.03 17.32 -6.39
CA GLY A 146 2.09 17.07 -5.31
C GLY A 146 2.51 15.94 -4.39
N PHE A 147 3.41 15.09 -4.88
CA PHE A 147 3.91 13.97 -4.08
C PHE A 147 5.07 14.44 -3.25
N ILE A 148 4.92 14.33 -1.93
CA ILE A 148 5.84 14.96 -0.98
C ILE A 148 6.81 13.94 -0.41
N TYR A 149 8.11 14.21 -0.55
CA TYR A 149 9.14 13.31 -0.07
C TYR A 149 9.99 14.03 0.95
N GLY A 150 10.58 13.27 1.88
CA GLY A 150 11.46 13.84 2.86
C GLY A 150 12.82 13.17 2.87
N CYS A 151 13.82 13.87 3.39
CA CYS A 151 15.15 13.31 3.50
C CYS A 151 15.84 13.90 4.72
N PHE A 152 16.36 13.05 5.58
CA PHE A 152 17.06 13.51 6.79
C PHE A 152 18.44 14.10 6.50
N ASP A 153 18.97 13.83 5.32
CA ASP A 153 20.33 14.24 4.97
C ASP A 153 20.32 15.55 4.15
N GLN A 154 20.80 16.63 4.75
CA GLN A 154 20.84 17.94 4.10
C GLN A 154 21.66 17.90 2.81
N GLU A 155 22.54 16.91 2.69
CA GLU A 155 23.46 16.84 1.54
C GLU A 155 22.90 16.14 0.29
N ALA A 156 21.69 15.58 0.41
CA ALA A 156 21.06 14.86 -0.70
C ALA A 156 20.89 15.75 -1.94
N PRO A 157 20.89 15.13 -3.12
CA PRO A 157 20.53 15.89 -4.33
C PRO A 157 19.09 16.36 -4.23
N PRO A 158 18.73 17.44 -4.95
CA PRO A 158 17.32 17.80 -5.02
C PRO A 158 16.51 16.59 -5.51
N LEU A 159 15.26 16.50 -5.08
CA LEU A 159 14.42 15.35 -5.41
C LEU A 159 14.35 15.13 -6.93
N MET A 160 14.22 16.21 -7.69
CA MET A 160 14.16 16.08 -9.15
C MET A 160 15.42 15.43 -9.74
N ASP A 161 16.59 15.85 -9.27
CA ASP A 161 17.83 15.25 -9.75
C ASP A 161 17.97 13.80 -9.29
N TYR A 162 17.50 13.54 -8.08
CA TYR A 162 17.51 12.19 -7.49
C TYR A 162 16.68 11.20 -8.30
N LEU A 163 15.57 11.68 -8.87
CA LEU A 163 14.75 10.84 -9.73
C LEU A 163 15.47 10.51 -11.03
N GLY A 164 16.43 11.37 -11.39
CA GLY A 164 17.25 11.16 -12.58
C GLY A 164 16.44 10.85 -13.81
N ASP A 165 16.85 9.84 -14.55
CA ASP A 165 16.20 9.48 -15.80
C ASP A 165 14.78 8.94 -15.62
N ALA A 166 14.43 8.52 -14.41
CA ALA A 166 13.07 8.03 -14.17
C ALA A 166 12.02 9.14 -14.30
N ALA A 167 12.41 10.38 -13.99
CA ALA A 167 11.46 11.50 -14.02
C ALA A 167 10.79 11.66 -15.37
N TRP A 168 11.55 11.48 -16.45
CA TRP A 168 11.04 11.65 -17.81
C TRP A 168 9.85 10.73 -18.08
N TYR A 169 9.92 9.52 -17.53
CA TYR A 169 8.86 8.52 -17.71
C TYR A 169 7.64 8.82 -16.85
N LEU A 170 7.86 9.39 -15.67
CA LEU A 170 6.75 9.68 -14.75
C LEU A 170 5.97 10.94 -15.14
N GLU A 171 6.65 11.88 -15.77
CA GLU A 171 6.06 13.19 -16.05
C GLU A 171 4.76 13.20 -16.85
N PRO A 172 4.62 12.36 -17.89
CA PRO A 172 3.33 12.39 -18.61
C PRO A 172 2.12 12.15 -17.70
N MET A 173 2.19 11.13 -16.85
CA MET A 173 1.13 10.87 -15.88
C MET A 173 1.13 11.85 -14.69
N PHE A 174 2.30 12.17 -14.15
CA PHE A 174 2.36 13.00 -12.94
C PHE A 174 2.16 14.49 -13.18
N LYS A 175 2.53 14.94 -14.38
CA LYS A 175 2.47 16.35 -14.70
C LYS A 175 1.50 16.64 -15.85
N HIS A 176 1.73 16.01 -16.98
CA HIS A 176 1.02 16.43 -18.18
C HIS A 176 -0.45 15.97 -18.22
N SER A 177 -0.82 15.04 -17.36
CA SER A 177 -2.21 14.58 -17.26
C SER A 177 -3.11 15.63 -16.59
N GLY A 178 -2.50 16.69 -16.09
CA GLY A 178 -3.24 17.68 -15.31
C GLY A 178 -3.02 17.49 -13.82
N GLY A 179 -2.36 16.40 -13.46
CA GLY A 179 -2.05 16.14 -12.07
C GLY A 179 -2.80 14.97 -11.45
N LEU A 180 -2.18 14.36 -10.45
CA LEU A 180 -2.74 13.22 -9.75
C LEU A 180 -3.12 13.61 -8.34
N GLU A 181 -4.06 12.87 -7.77
CA GLU A 181 -4.39 12.97 -6.36
C GLU A 181 -4.17 11.62 -5.70
N LEU A 182 -3.76 11.62 -4.44
CA LEU A 182 -3.64 10.39 -3.68
C LEU A 182 -4.92 10.23 -2.89
N VAL A 183 -5.56 9.06 -3.03
CA VAL A 183 -6.77 8.76 -2.28
C VAL A 183 -6.39 7.99 -1.03
N GLY A 184 -6.67 8.58 0.13
CA GLY A 184 -6.43 7.91 1.38
C GLY A 184 -7.74 7.49 2.02
N PRO A 185 -7.69 6.92 3.24
CA PRO A 185 -6.46 6.56 3.95
C PRO A 185 -5.89 5.31 3.31
N PRO A 186 -4.61 5.01 3.58
CA PRO A 186 -4.02 3.82 2.97
C PRO A 186 -4.46 2.56 3.71
N GLY A 187 -4.43 1.42 3.02
CA GLY A 187 -4.47 0.15 3.73
C GLY A 187 -3.12 -0.04 4.41
N LYS A 188 -3.10 -0.73 5.55
CA LYS A 188 -1.84 -1.02 6.24
C LYS A 188 -1.79 -2.47 6.72
N VAL A 189 -0.78 -3.20 6.26
CA VAL A 189 -0.61 -4.61 6.60
C VAL A 189 0.86 -4.93 6.81
N VAL A 190 1.14 -5.75 7.82
CA VAL A 190 2.49 -6.25 8.03
C VAL A 190 2.72 -7.57 7.30
N ILE A 191 3.80 -7.63 6.53
CA ILE A 191 4.22 -8.89 5.92
C ILE A 191 5.59 -9.29 6.47
N LYS A 192 5.86 -10.59 6.43
CA LYS A 192 7.11 -11.12 6.96
C LYS A 192 8.16 -11.22 5.87
N ALA A 193 8.41 -10.08 5.22
CA ALA A 193 9.39 -9.99 4.17
C ALA A 193 10.30 -8.80 4.43
N ASN A 194 11.49 -8.86 3.86
CA ASN A 194 12.40 -7.71 3.83
C ASN A 194 11.82 -6.66 2.88
N TRP A 195 12.01 -5.38 3.18
CA TRP A 195 11.48 -4.31 2.34
C TRP A 195 12.00 -4.40 0.91
N LYS A 196 13.18 -4.98 0.71
CA LYS A 196 13.77 -5.05 -0.63
C LYS A 196 13.04 -6.05 -1.53
N ALA A 197 12.37 -7.03 -0.93
CA ALA A 197 11.68 -8.01 -1.76
C ALA A 197 10.53 -7.40 -2.58
N PRO A 198 9.61 -6.65 -1.93
CA PRO A 198 8.63 -6.00 -2.81
C PRO A 198 9.21 -4.84 -3.61
N ALA A 199 10.20 -4.13 -3.07
CA ALA A 199 10.79 -3.03 -3.82
C ALA A 199 11.40 -3.51 -5.14
N GLU A 200 12.12 -4.64 -5.10
CA GLU A 200 12.75 -5.16 -6.30
C GLU A 200 11.69 -5.69 -7.27
N ASN A 201 10.61 -6.25 -6.72
CA ASN A 201 9.57 -6.82 -7.53
C ASN A 201 8.86 -5.73 -8.34
N PHE A 202 8.51 -4.63 -7.69
CA PHE A 202 7.88 -3.53 -8.40
C PHE A 202 8.81 -2.78 -9.35
N VAL A 203 10.11 -2.72 -9.02
CA VAL A 203 11.02 -1.93 -9.85
C VAL A 203 11.26 -2.56 -11.22
N GLY A 204 11.22 -3.88 -11.31
CA GLY A 204 11.67 -4.50 -12.54
C GLY A 204 11.24 -5.91 -12.85
N ASP A 205 10.24 -6.42 -12.13
CA ASP A 205 9.85 -7.81 -12.28
C ASP A 205 8.58 -8.00 -13.09
N ALA A 206 8.70 -8.01 -14.42
CA ALA A 206 7.58 -8.41 -15.26
C ALA A 206 7.55 -9.92 -15.46
N TYR A 207 8.71 -10.57 -15.29
CA TYR A 207 8.85 -12.01 -15.50
C TYR A 207 7.87 -12.80 -14.64
N HIS A 208 7.65 -12.34 -13.40
CA HIS A 208 6.83 -13.11 -12.45
C HIS A 208 5.35 -13.06 -12.76
N VAL A 209 4.92 -12.06 -13.54
CA VAL A 209 3.48 -11.78 -13.63
C VAL A 209 2.62 -12.94 -14.12
N GLY A 210 3.01 -13.54 -15.26
CA GLY A 210 2.22 -14.64 -15.82
C GLY A 210 2.11 -15.85 -14.91
N TRP A 211 3.16 -16.12 -14.15
CA TRP A 211 3.18 -17.33 -13.31
C TRP A 211 2.67 -17.07 -11.89
N THR A 212 3.25 -16.09 -11.21
CA THR A 212 2.79 -15.73 -9.86
C THR A 212 1.31 -15.37 -9.86
N HIS A 213 0.90 -14.55 -10.83
CA HIS A 213 -0.45 -14.01 -10.84
C HIS A 213 -1.38 -14.76 -11.78
N ALA A 214 -1.02 -15.99 -12.14
CA ALA A 214 -1.84 -16.80 -13.06
C ALA A 214 -3.32 -16.81 -12.66
N SER A 215 -3.59 -17.07 -11.38
CA SER A 215 -4.97 -17.15 -10.91
C SER A 215 -5.70 -15.82 -10.96
N SER A 216 -5.00 -14.73 -10.63
CA SER A 216 -5.61 -13.40 -10.64
C SER A 216 -5.86 -12.92 -12.06
N LEU A 217 -4.92 -13.21 -12.95
CA LEU A 217 -5.08 -12.91 -14.38
C LEU A 217 -6.28 -13.66 -14.95
N ARG A 218 -6.37 -14.95 -14.65
CA ARG A 218 -7.46 -15.78 -15.17
C ARG A 218 -8.82 -15.37 -14.60
N SER A 219 -8.84 -15.00 -13.32
CA SER A 219 -10.09 -14.71 -12.61
C SER A 219 -10.63 -13.31 -12.83
N GLY A 220 -9.72 -12.34 -12.95
CA GLY A 220 -10.11 -10.94 -13.05
C GLY A 220 -10.42 -10.41 -14.44
N GLU A 221 -9.91 -11.06 -15.49
CA GLU A 221 -10.16 -10.65 -16.88
C GLU A 221 -9.52 -9.32 -17.28
N SER A 222 -8.54 -8.86 -16.51
CA SER A 222 -7.84 -7.63 -16.80
C SER A 222 -7.17 -7.61 -18.20
N ILE A 223 -6.56 -6.50 -18.62
CA ILE A 223 -5.94 -6.47 -19.96
C ILE A 223 -4.60 -7.18 -20.12
N PHE A 224 -3.91 -7.46 -19.02
CA PHE A 224 -2.67 -8.22 -19.12
C PHE A 224 -2.97 -9.71 -19.03
N SER A 225 -4.25 -10.06 -19.18
CA SER A 225 -4.72 -11.41 -18.85
C SER A 225 -4.22 -12.54 -19.73
N SER A 226 -3.74 -12.21 -20.93
CA SER A 226 -3.23 -13.25 -21.82
C SER A 226 -1.98 -13.92 -21.26
N LEU A 227 -1.43 -13.33 -20.19
CA LEU A 227 -0.21 -13.85 -19.61
C LEU A 227 -0.47 -15.05 -18.70
N ALA A 228 -1.72 -15.25 -18.29
CA ALA A 228 -2.05 -16.23 -17.24
C ALA A 228 -1.42 -17.62 -17.44
N GLY A 229 -0.64 -18.05 -16.45
CA GLY A 229 -0.01 -19.35 -16.49
C GLY A 229 1.06 -19.46 -17.56
N ASN A 230 1.65 -18.32 -17.94
CA ASN A 230 2.65 -18.28 -19.01
C ASN A 230 2.13 -18.88 -20.31
N ALA A 231 0.85 -18.66 -20.56
CA ALA A 231 0.18 -19.15 -21.74
C ALA A 231 0.69 -18.45 -22.98
N ALA A 232 1.14 -17.20 -22.79
CA ALA A 232 1.56 -16.38 -23.91
C ALA A 232 2.58 -15.33 -23.51
N LEU A 233 3.65 -15.23 -24.30
CA LEU A 233 4.66 -14.20 -24.09
C LEU A 233 4.19 -12.94 -24.81
N PRO A 234 4.32 -11.78 -24.15
CA PRO A 234 4.03 -10.50 -24.80
C PRO A 234 4.83 -10.40 -26.10
N PRO A 235 4.24 -9.78 -27.13
CA PRO A 235 4.91 -9.64 -28.43
C PRO A 235 6.19 -8.84 -28.34
N GLU A 236 6.97 -8.81 -29.42
CA GLU A 236 8.12 -7.92 -29.51
C GLU A 236 7.62 -6.49 -29.36
N GLY A 237 8.39 -5.66 -28.67
CA GLY A 237 8.05 -4.26 -28.55
C GLY A 237 6.87 -3.98 -27.64
N ALA A 238 6.53 -4.96 -26.81
CA ALA A 238 5.42 -4.82 -25.87
C ALA A 238 5.76 -3.83 -24.76
N GLY A 239 7.06 -3.60 -24.58
CA GLY A 239 7.47 -2.65 -23.56
C GLY A 239 8.96 -2.54 -23.39
N LEU A 240 9.38 -1.90 -22.31
CA LEU A 240 10.80 -1.71 -22.03
C LEU A 240 11.04 -1.63 -20.54
N GLN A 241 12.32 -1.57 -20.18
CA GLN A 241 12.74 -1.44 -18.79
C GLN A 241 13.74 -0.32 -18.70
N MET A 242 13.73 0.41 -17.59
CA MET A 242 14.75 1.44 -17.41
C MET A 242 15.25 1.49 -15.98
N THR A 243 16.41 2.09 -15.82
CA THR A 243 16.96 2.33 -14.50
C THR A 243 17.83 3.58 -14.55
N SER A 244 18.26 4.05 -13.37
CA SER A 244 18.81 5.39 -13.24
C SER A 244 19.92 5.40 -12.21
N LYS A 245 20.64 6.52 -12.16
CA LYS A 245 21.84 6.65 -11.34
C LYS A 245 21.58 6.41 -9.84
N TYR A 246 20.49 6.98 -9.34
CA TYR A 246 20.22 6.94 -7.91
C TYR A 246 19.31 5.78 -7.53
N GLY A 247 19.08 4.87 -8.46
CA GLY A 247 18.49 3.58 -8.14
C GLY A 247 17.05 3.37 -8.55
N SER A 248 16.35 4.46 -8.87
CA SER A 248 14.95 4.35 -9.26
C SER A 248 14.87 3.72 -10.64
N GLY A 249 13.80 2.99 -10.90
CA GLY A 249 13.66 2.31 -12.18
C GLY A 249 12.23 1.89 -12.39
N MET A 250 11.92 1.42 -13.59
CA MET A 250 10.58 0.95 -13.86
C MET A 250 10.49 0.13 -15.13
N GLY A 251 9.41 -0.63 -15.22
CA GLY A 251 9.03 -1.29 -16.45
C GLY A 251 7.94 -0.47 -17.11
N VAL A 252 7.91 -0.53 -18.44
CA VAL A 252 6.89 0.16 -19.22
C VAL A 252 6.18 -0.88 -20.05
N LEU A 253 4.88 -1.02 -19.87
CA LEU A 253 4.11 -1.92 -20.71
C LEU A 253 3.19 -1.09 -21.58
N TRP A 254 3.52 -1.00 -22.87
CA TRP A 254 2.84 -0.08 -23.77
C TRP A 254 1.32 -0.24 -23.77
N ASP A 255 0.64 0.90 -23.63
CA ASP A 255 -0.80 1.02 -23.83
C ASP A 255 -1.67 0.45 -22.71
N GLY A 256 -1.06 -0.17 -21.70
CA GLY A 256 -1.81 -0.89 -20.68
C GLY A 256 -2.56 -0.03 -19.66
N TYR A 257 -3.37 0.90 -20.15
CA TYR A 257 -3.97 1.92 -19.29
C TYR A 257 -4.98 1.40 -18.26
N SER A 258 -5.65 0.28 -18.55
CA SER A 258 -6.59 -0.26 -17.57
C SER A 258 -5.88 -1.17 -16.55
N GLY A 259 -4.62 -1.48 -16.83
CA GLY A 259 -3.78 -2.17 -15.85
C GLY A 259 -4.38 -3.45 -15.30
N VAL A 260 -4.37 -3.59 -13.98
CA VAL A 260 -4.84 -4.80 -13.32
C VAL A 260 -6.33 -4.78 -13.08
N HIS A 261 -6.99 -3.69 -13.46
CA HIS A 261 -8.41 -3.55 -13.17
C HIS A 261 -9.25 -4.58 -13.89
N SER A 262 -10.21 -5.15 -13.17
CA SER A 262 -11.02 -6.22 -13.72
C SER A 262 -11.86 -5.66 -14.85
N ALA A 263 -12.39 -6.55 -15.68
CA ALA A 263 -13.13 -6.16 -16.87
C ALA A 263 -14.20 -5.09 -16.64
N ASP A 264 -14.75 -5.01 -15.43
CA ASP A 264 -15.79 -4.01 -15.15
C ASP A 264 -15.34 -2.53 -15.27
N LEU A 265 -14.04 -2.29 -15.42
CA LEU A 265 -13.50 -0.93 -15.57
C LEU A 265 -12.73 -0.73 -16.87
N VAL A 266 -12.46 -1.81 -17.58
CA VAL A 266 -11.62 -1.76 -18.78
C VAL A 266 -12.11 -0.79 -19.87
N PRO A 267 -13.38 -0.90 -20.29
CA PRO A 267 -13.84 -0.03 -21.38
C PRO A 267 -13.78 1.46 -21.01
N GLU A 268 -14.19 1.80 -19.80
CA GLU A 268 -14.23 3.19 -19.36
C GLU A 268 -12.82 3.76 -19.27
N LEU A 269 -11.91 2.99 -18.70
CA LEU A 269 -10.54 3.46 -18.57
C LEU A 269 -9.88 3.58 -19.93
N MET A 270 -10.01 2.57 -20.77
CA MET A 270 -9.36 2.59 -22.08
C MET A 270 -9.88 3.76 -22.92
N ALA A 271 -11.15 4.11 -22.74
CA ALA A 271 -11.70 5.29 -23.40
C ALA A 271 -11.09 6.59 -22.85
N PHE A 272 -11.02 6.69 -21.52
CA PHE A 272 -10.55 7.90 -20.86
C PHE A 272 -9.08 8.18 -21.18
N GLY A 273 -8.23 7.16 -21.02
CA GLY A 273 -6.82 7.33 -21.28
C GLY A 273 -6.52 7.65 -22.74
N GLY A 274 -7.23 6.99 -23.64
CA GLY A 274 -7.06 7.26 -25.06
C GLY A 274 -7.49 8.68 -25.43
N ALA A 275 -8.56 9.15 -24.83
CA ALA A 275 -9.02 10.52 -25.10
C ALA A 275 -7.98 11.55 -24.65
N LYS A 276 -7.41 11.36 -23.47
CA LYS A 276 -6.41 12.30 -22.97
C LYS A 276 -5.12 12.20 -23.79
N GLN A 277 -4.76 10.98 -24.16
CA GLN A 277 -3.61 10.77 -25.03
C GLN A 277 -3.71 11.56 -26.34
N GLU A 278 -4.90 11.56 -26.94
CA GLU A 278 -5.10 12.28 -28.19
C GLU A 278 -4.86 13.79 -28.02
N ARG A 279 -5.22 14.32 -26.86
CA ARG A 279 -4.93 15.72 -26.57
C ARG A 279 -3.43 15.94 -26.33
N LEU A 280 -2.81 14.98 -25.64
CA LEU A 280 -1.41 15.11 -25.24
C LEU A 280 -0.44 14.99 -26.42
N ASN A 281 -0.85 14.32 -27.49
CA ASN A 281 0.00 14.19 -28.68
C ASN A 281 0.52 15.56 -29.13
N LYS A 282 -0.36 16.55 -29.10
CA LYS A 282 -0.06 17.91 -29.55
C LYS A 282 0.88 18.66 -28.61
N GLU A 283 0.91 18.24 -27.35
CA GLU A 283 1.65 18.94 -26.30
C GLU A 283 3.05 18.41 -26.08
N ILE A 284 3.14 17.09 -25.93
CA ILE A 284 4.38 16.47 -25.51
C ILE A 284 4.87 15.46 -26.53
N GLY A 285 4.16 15.35 -27.65
CA GLY A 285 4.55 14.45 -28.72
C GLY A 285 3.96 13.07 -28.56
N ASP A 286 3.98 12.29 -29.64
CA ASP A 286 3.31 10.99 -29.64
C ASP A 286 3.88 10.01 -28.61
N VAL A 287 5.21 9.91 -28.54
CA VAL A 287 5.84 8.94 -27.66
C VAL A 287 5.48 9.21 -26.20
N ARG A 288 5.64 10.45 -25.77
CA ARG A 288 5.38 10.76 -24.37
C ARG A 288 3.88 10.68 -24.04
N ALA A 289 3.03 11.05 -24.99
CA ALA A 289 1.59 10.89 -24.78
C ALA A 289 1.22 9.42 -24.64
N ARG A 290 1.96 8.56 -25.34
CA ARG A 290 1.72 7.12 -25.25
C ARG A 290 2.21 6.59 -23.91
N ILE A 291 3.34 7.11 -23.45
CA ILE A 291 3.86 6.73 -22.13
C ILE A 291 2.85 7.08 -21.03
N TYR A 292 2.20 8.23 -21.15
CA TYR A 292 1.16 8.62 -20.20
C TYR A 292 0.16 7.48 -20.00
N ARG A 293 -0.32 6.90 -21.09
CA ARG A 293 -1.32 5.83 -20.97
C ARG A 293 -0.73 4.42 -21.06
N SER A 294 0.54 4.31 -20.68
CA SER A 294 1.20 3.02 -20.57
C SER A 294 1.47 2.65 -19.11
N HIS A 295 1.38 1.36 -18.82
CA HIS A 295 1.49 0.86 -17.46
C HIS A 295 2.93 0.88 -17.00
N LEU A 296 3.21 1.65 -15.95
CA LEU A 296 4.57 1.75 -15.40
C LEU A 296 4.61 1.07 -14.05
N ASN A 297 5.46 0.06 -13.91
CA ASN A 297 5.74 -0.51 -12.59
C ASN A 297 7.06 0.07 -12.12
N CYS A 298 7.02 0.91 -11.10
CA CYS A 298 8.15 1.74 -10.73
C CYS A 298 8.47 1.65 -9.25
N THR A 299 9.75 1.62 -8.91
CA THR A 299 10.18 1.90 -7.56
C THR A 299 10.99 3.20 -7.55
N VAL A 300 10.54 4.15 -6.73
CA VAL A 300 11.35 5.32 -6.41
C VAL A 300 12.23 4.90 -5.23
N PHE A 301 13.52 4.78 -5.49
CA PHE A 301 14.47 4.26 -4.52
C PHE A 301 14.34 5.08 -3.23
N PRO A 302 14.38 4.40 -2.07
CA PRO A 302 14.53 2.95 -1.90
C PRO A 302 13.21 2.15 -1.81
N ASN A 303 12.17 2.70 -1.20
CA ASN A 303 11.06 1.86 -0.74
C ASN A 303 9.66 2.40 -1.04
N ASN A 304 9.54 3.16 -2.11
CA ASN A 304 8.25 3.67 -2.58
C ASN A 304 8.01 3.08 -3.95
N SER A 305 6.89 2.39 -4.16
CA SER A 305 6.62 1.83 -5.47
C SER A 305 5.24 2.21 -5.97
N MET A 306 4.98 1.94 -7.24
CA MET A 306 3.69 2.29 -7.82
C MET A 306 3.46 1.53 -9.11
N LEU A 307 2.19 1.38 -9.46
CA LEU A 307 1.79 0.94 -10.79
C LEU A 307 0.94 2.07 -11.32
N THR A 308 1.47 2.84 -12.29
CA THR A 308 0.63 3.88 -12.86
C THR A 308 -0.44 3.19 -13.68
N CYS A 309 -1.53 3.92 -13.93
CA CYS A 309 -2.70 3.43 -14.67
C CYS A 309 -3.53 2.47 -13.84
N SER A 310 -2.89 1.43 -13.29
CA SER A 310 -3.54 0.64 -12.26
C SER A 310 -3.85 1.53 -11.06
N GLY A 311 -2.99 2.50 -10.79
CA GLY A 311 -3.22 3.43 -9.71
C GLY A 311 -2.79 2.94 -8.34
N VAL A 312 -1.93 1.94 -8.29
CA VAL A 312 -1.45 1.39 -7.01
C VAL A 312 -0.24 2.20 -6.52
N PHE A 313 -0.25 2.61 -5.25
CA PHE A 313 0.85 3.39 -4.69
C PHE A 313 1.23 2.79 -3.36
N LYS A 314 2.51 2.43 -3.22
CA LYS A 314 3.00 1.61 -2.12
C LYS A 314 4.13 2.25 -1.34
N VAL A 315 4.11 2.09 -0.02
CA VAL A 315 5.30 2.33 0.78
C VAL A 315 5.66 1.04 1.49
N TRP A 316 6.89 0.60 1.33
CA TRP A 316 7.36 -0.60 2.02
C TRP A 316 8.13 -0.17 3.26
N ASN A 317 7.42 0.03 4.36
CA ASN A 317 8.05 0.56 5.57
C ASN A 317 8.82 -0.49 6.35
N PRO A 318 10.13 -0.28 6.54
CA PRO A 318 10.96 -1.30 7.15
C PRO A 318 10.73 -1.42 8.65
N ILE A 319 10.67 -2.64 9.16
CA ILE A 319 10.53 -2.88 10.60
C ILE A 319 11.76 -3.63 11.13
N ASP A 320 12.06 -4.77 10.52
CA ASP A 320 13.34 -5.45 10.72
C ASP A 320 13.64 -6.24 9.44
N ALA A 321 14.68 -7.05 9.41
CA ALA A 321 15.08 -7.68 8.15
C ALA A 321 14.03 -8.59 7.55
N ASN A 322 13.12 -9.12 8.38
CA ASN A 322 12.06 -9.98 7.85
C ASN A 322 10.68 -9.45 8.21
N THR A 323 10.56 -8.13 8.38
CA THR A 323 9.25 -7.53 8.70
C THR A 323 9.11 -6.19 8.00
N THR A 324 8.02 -6.02 7.28
CA THR A 324 7.74 -4.80 6.53
C THR A 324 6.27 -4.41 6.69
N GLU A 325 6.01 -3.14 6.95
CA GLU A 325 4.65 -2.65 7.05
C GLU A 325 4.26 -1.99 5.73
N VAL A 326 3.28 -2.58 5.05
CA VAL A 326 2.92 -2.19 3.71
C VAL A 326 1.79 -1.17 3.73
N TRP A 327 2.05 0.02 3.20
CA TRP A 327 1.02 1.04 3.05
C TRP A 327 0.56 1.10 1.60
N THR A 328 -0.76 1.06 1.37
CA THR A 328 -1.32 1.06 0.02
C THR A 328 -2.32 2.18 -0.19
N TYR A 329 -1.99 3.10 -1.09
CA TYR A 329 -2.91 4.16 -1.48
C TYR A 329 -3.34 3.93 -2.92
N ALA A 330 -4.35 4.67 -3.35
CA ALA A 330 -4.73 4.72 -4.77
C ALA A 330 -4.36 6.08 -5.35
N ILE A 331 -3.85 6.08 -6.59
CA ILE A 331 -3.65 7.34 -7.29
C ILE A 331 -4.71 7.46 -8.38
N VAL A 332 -5.26 8.66 -8.52
CA VAL A 332 -6.23 8.94 -9.57
C VAL A 332 -5.87 10.24 -10.26
N GLU A 333 -6.31 10.38 -11.50
CA GLU A 333 -6.10 11.63 -12.22
C GLU A 333 -7.15 12.64 -11.76
N LYS A 334 -6.71 13.84 -11.42
CA LYS A 334 -7.57 14.87 -10.86
C LYS A 334 -8.82 15.15 -11.70
N ASP A 335 -8.69 15.08 -13.02
CA ASP A 335 -9.80 15.43 -13.91
C ASP A 335 -10.72 14.27 -14.30
N MET A 336 -10.51 13.12 -13.68
CA MET A 336 -11.44 12.01 -13.83
C MET A 336 -12.75 12.38 -13.16
N PRO A 337 -13.88 11.87 -13.68
CA PRO A 337 -15.14 12.08 -12.98
C PRO A 337 -15.04 11.48 -11.57
N GLU A 338 -15.70 12.12 -10.61
CA GLU A 338 -15.62 11.67 -9.22
C GLU A 338 -16.05 10.22 -9.02
N ASP A 339 -17.08 9.78 -9.74
CA ASP A 339 -17.55 8.40 -9.61
C ASP A 339 -16.50 7.40 -10.08
N LEU A 340 -15.78 7.77 -11.14
CA LEU A 340 -14.71 6.92 -11.65
C LEU A 340 -13.57 6.87 -10.64
N LYS A 341 -13.23 8.00 -10.04
CA LYS A 341 -12.18 8.03 -9.02
C LYS A 341 -12.51 7.09 -7.87
N ARG A 342 -13.77 7.11 -7.43
CA ARG A 342 -14.19 6.26 -6.32
C ARG A 342 -14.05 4.79 -6.70
N ARG A 343 -14.51 4.43 -7.89
CA ARG A 343 -14.46 3.03 -8.31
C ARG A 343 -13.02 2.57 -8.58
N LEU A 344 -12.20 3.47 -9.08
CA LEU A 344 -10.78 3.18 -9.29
C LEU A 344 -10.09 2.93 -7.95
N ALA A 345 -10.35 3.80 -6.97
CA ALA A 345 -9.77 3.61 -5.64
C ALA A 345 -10.17 2.27 -5.03
N ASP A 346 -11.46 1.93 -5.09
CA ASP A 346 -11.89 0.62 -4.59
C ASP A 346 -11.22 -0.52 -5.31
N SER A 347 -11.00 -0.36 -6.61
CA SER A 347 -10.40 -1.41 -7.42
C SER A 347 -8.92 -1.60 -7.11
N VAL A 348 -8.21 -0.50 -6.86
CA VAL A 348 -6.84 -0.58 -6.38
C VAL A 348 -6.76 -1.41 -5.10
N GLN A 349 -7.67 -1.16 -4.16
CA GLN A 349 -7.64 -1.91 -2.91
C GLN A 349 -8.09 -3.37 -3.11
N ARG A 350 -9.05 -3.56 -4.02
CA ARG A 350 -9.55 -4.90 -4.36
C ARG A 350 -8.44 -5.80 -4.89
N THR A 351 -7.53 -5.22 -5.66
CA THR A 351 -6.48 -6.00 -6.31
C THR A 351 -5.19 -6.02 -5.50
N PHE A 352 -4.82 -4.87 -4.92
CA PHE A 352 -3.51 -4.75 -4.27
C PHE A 352 -3.55 -4.25 -2.83
N GLY A 353 -4.75 -4.11 -2.25
CA GLY A 353 -4.88 -3.68 -0.87
C GLY A 353 -4.70 -4.80 0.15
N PRO A 354 -5.14 -4.55 1.40
CA PRO A 354 -4.99 -5.55 2.47
C PRO A 354 -5.63 -6.89 2.12
N ALA A 355 -6.74 -6.86 1.38
CA ALA A 355 -7.32 -8.08 0.84
C ALA A 355 -7.20 -8.08 -0.67
N GLY A 356 -6.11 -7.52 -1.19
CA GLY A 356 -5.88 -7.50 -2.62
C GLY A 356 -5.58 -8.90 -3.11
N PHE A 357 -6.40 -9.42 -4.03
CA PHE A 357 -6.16 -10.80 -4.45
C PHE A 357 -4.89 -10.96 -5.29
N TRP A 358 -4.54 -9.92 -6.05
CA TRP A 358 -3.24 -9.94 -6.76
C TRP A 358 -2.09 -9.92 -5.75
N GLU A 359 -2.12 -8.97 -4.82
CA GLU A 359 -1.03 -8.83 -3.86
C GLU A 359 -0.85 -10.11 -3.04
N SER A 360 -1.94 -10.81 -2.78
CA SER A 360 -1.86 -12.06 -2.03
C SER A 360 -1.03 -13.12 -2.76
N ASP A 361 -1.07 -13.10 -4.09
CA ASP A 361 -0.27 -14.03 -4.89
C ASP A 361 1.21 -13.88 -4.61
N ASP A 362 1.62 -12.68 -4.21
CA ASP A 362 3.03 -12.37 -4.00
C ASP A 362 3.55 -12.71 -2.62
N ASN A 363 2.65 -12.89 -1.65
CA ASN A 363 3.03 -13.07 -0.24
C ASN A 363 4.10 -14.12 -0.02
N ASP A 364 3.85 -15.35 -0.46
CA ASP A 364 4.77 -16.45 -0.18
C ASP A 364 6.11 -16.24 -0.86
N ASN A 365 6.07 -15.71 -2.08
CA ASN A 365 7.28 -15.38 -2.81
C ASN A 365 8.16 -14.42 -2.01
N MET A 366 7.59 -13.29 -1.57
CA MET A 366 8.40 -12.31 -0.83
C MET A 366 8.83 -12.78 0.53
N GLU A 367 7.92 -13.42 1.25
CA GLU A 367 8.21 -13.84 2.62
C GLU A 367 9.26 -14.93 2.65
N THR A 368 9.10 -15.95 1.82
CA THR A 368 10.09 -17.04 1.87
C THR A 368 11.43 -16.66 1.28
N ALA A 369 11.44 -15.87 0.21
CA ALA A 369 12.71 -15.41 -0.34
C ALA A 369 13.46 -14.60 0.72
N SER A 370 12.72 -13.83 1.52
CA SER A 370 13.35 -13.04 2.58
C SER A 370 13.84 -13.91 3.73
N GLN A 371 13.00 -14.82 4.19
CA GLN A 371 13.33 -15.63 5.35
C GLN A 371 14.46 -16.61 5.05
N ASN A 372 14.53 -17.05 3.80
CA ASN A 372 15.63 -17.93 3.40
C ASN A 372 16.98 -17.23 3.50
N GLY A 373 16.98 -15.91 3.47
CA GLY A 373 18.22 -15.15 3.61
C GLY A 373 18.85 -15.27 4.98
N LYS A 374 18.10 -15.79 5.94
CA LYS A 374 18.63 -16.04 7.29
C LYS A 374 19.20 -17.45 7.43
N LYS A 375 18.79 -18.35 6.52
CA LYS A 375 19.17 -19.77 6.65
C LYS A 375 20.64 -19.96 6.33
N TYR A 376 21.31 -20.78 7.15
CA TYR A 376 22.76 -20.90 7.14
C TYR A 376 23.36 -21.19 5.76
N GLN A 377 22.80 -22.17 5.06
CA GLN A 377 23.36 -22.58 3.77
C GLN A 377 23.02 -21.63 2.63
N SER A 378 22.17 -20.65 2.89
CA SER A 378 21.76 -19.69 1.85
C SER A 378 22.35 -18.29 1.99
N ARG A 379 22.86 -17.94 3.17
CA ARG A 379 23.34 -16.57 3.42
C ARG A 379 24.35 -16.11 2.37
N ASP A 380 25.27 -17.00 2.00
CA ASP A 380 26.37 -16.68 1.09
C ASP A 380 26.03 -17.11 -0.34
N SER A 381 24.77 -17.46 -0.58
CA SER A 381 24.35 -17.83 -1.92
C SER A 381 24.04 -16.59 -2.75
N ASP A 382 23.98 -16.76 -4.07
CA ASP A 382 23.82 -15.64 -4.98
C ASP A 382 22.44 -15.59 -5.61
N LEU A 383 21.69 -14.54 -5.30
CA LEU A 383 20.44 -14.23 -5.99
C LEU A 383 20.79 -13.68 -7.37
N LEU A 384 20.16 -14.22 -8.41
CA LEU A 384 20.54 -13.85 -9.78
C LEU A 384 19.67 -12.77 -10.37
N SER A 385 20.29 -11.77 -10.99
CA SER A 385 19.56 -10.76 -11.76
C SER A 385 20.28 -10.43 -13.06
N ASN A 386 20.54 -11.47 -13.85
CA ASN A 386 21.32 -11.34 -15.07
C ASN A 386 20.50 -11.31 -16.36
N LEU A 387 19.18 -11.44 -16.26
CA LEU A 387 18.34 -11.50 -17.46
C LEU A 387 18.44 -10.19 -18.24
N GLY A 388 18.87 -10.30 -19.50
CA GLY A 388 18.96 -9.15 -20.39
C GLY A 388 20.29 -8.44 -20.33
N PHE A 389 21.17 -8.92 -19.47
CA PHE A 389 22.49 -8.30 -19.35
C PHE A 389 23.28 -8.40 -20.65
N GLY A 390 23.88 -7.28 -21.04
CA GLY A 390 24.64 -7.23 -22.28
C GLY A 390 23.80 -6.74 -23.43
N GLU A 391 22.53 -6.45 -23.17
CA GLU A 391 21.65 -5.89 -24.21
C GLU A 391 21.08 -4.53 -23.80
N ASP A 392 21.47 -4.04 -22.62
CA ASP A 392 21.03 -2.71 -22.19
C ASP A 392 21.78 -1.59 -22.90
N VAL A 393 21.12 -0.45 -23.06
CA VAL A 393 21.79 0.71 -23.64
C VAL A 393 21.70 1.91 -22.73
N TYR A 394 22.51 2.92 -23.01
CA TYR A 394 22.41 4.21 -22.33
C TYR A 394 22.45 5.32 -23.37
N GLY A 395 21.76 6.43 -23.10
CA GLY A 395 21.82 7.59 -23.96
C GLY A 395 21.02 7.47 -25.25
N ASP A 396 20.00 6.63 -25.23
CA ASP A 396 19.17 6.40 -26.42
C ASP A 396 18.52 7.70 -26.90
N ALA A 397 18.29 7.82 -28.20
CA ALA A 397 17.72 9.06 -28.75
C ALA A 397 16.29 9.35 -28.29
N VAL A 398 15.57 8.31 -27.91
CA VAL A 398 14.17 8.49 -27.51
C VAL A 398 13.91 8.21 -26.03
N TYR A 399 14.50 7.13 -25.51
CA TYR A 399 14.22 6.67 -24.14
C TYR A 399 15.46 6.80 -23.26
N PRO A 400 15.41 7.69 -22.26
CA PRO A 400 16.60 7.98 -21.46
C PRO A 400 16.84 6.99 -20.31
N GLY A 401 18.06 7.00 -19.80
CA GLY A 401 18.48 6.11 -18.73
C GLY A 401 19.19 4.90 -19.25
N VAL A 402 19.45 3.94 -18.38
CA VAL A 402 19.90 2.63 -18.82
C VAL A 402 18.63 1.86 -19.17
N VAL A 403 18.54 1.45 -20.43
CA VAL A 403 17.29 0.95 -20.96
C VAL A 403 17.45 -0.44 -21.58
N GLY A 404 16.57 -1.35 -21.22
CA GLY A 404 16.46 -2.62 -21.91
C GLY A 404 15.23 -2.54 -22.79
N LYS A 405 15.40 -2.66 -24.11
CA LYS A 405 14.28 -2.50 -25.02
C LYS A 405 13.51 -3.80 -25.18
N SER A 406 13.00 -4.31 -24.06
CA SER A 406 12.18 -5.52 -24.02
C SER A 406 11.28 -5.41 -22.80
N ALA A 407 10.11 -6.04 -22.85
CA ALA A 407 9.16 -5.89 -21.75
C ALA A 407 9.58 -6.65 -20.50
N ILE A 408 10.29 -7.76 -20.68
CA ILE A 408 10.65 -8.62 -19.55
C ILE A 408 12.15 -8.78 -19.42
N GLY A 409 12.70 -8.40 -18.27
CA GLY A 409 14.12 -8.54 -18.05
C GLY A 409 14.47 -8.12 -16.64
N GLU A 410 15.76 -7.98 -16.37
CA GLU A 410 16.20 -7.64 -15.02
C GLU A 410 17.05 -6.37 -14.98
N THR A 411 16.92 -5.55 -16.03
CA THR A 411 17.60 -4.26 -16.11
C THR A 411 17.42 -3.42 -14.84
N SER A 412 16.18 -3.33 -14.35
CA SER A 412 15.89 -2.43 -13.25
C SER A 412 16.36 -3.00 -11.91
N TYR A 413 16.46 -4.33 -11.81
CA TYR A 413 17.09 -4.96 -10.64
C TYR A 413 18.54 -4.51 -10.56
N ARG A 414 19.25 -4.60 -11.67
CA ARG A 414 20.67 -4.26 -11.70
C ARG A 414 20.94 -2.82 -11.27
N GLY A 415 20.15 -1.88 -11.78
CA GLY A 415 20.34 -0.50 -11.39
C GLY A 415 19.95 -0.21 -9.94
N PHE A 416 18.90 -0.87 -9.47
CA PHE A 416 18.49 -0.77 -8.08
C PHE A 416 19.61 -1.25 -7.16
N TYR A 417 20.14 -2.44 -7.44
CA TYR A 417 21.17 -3.00 -6.57
C TYR A 417 22.54 -2.35 -6.74
N ARG A 418 22.83 -1.80 -7.91
CA ARG A 418 24.05 -1.02 -8.07
C ARG A 418 24.04 0.18 -7.12
N ALA A 419 22.92 0.92 -7.12
CA ALA A 419 22.78 2.06 -6.23
C ALA A 419 22.81 1.64 -4.75
N TYR A 420 22.11 0.56 -4.44
CA TYR A 420 22.10 0.02 -3.08
C TYR A 420 23.51 -0.27 -2.56
N GLN A 421 24.32 -0.95 -3.36
CA GLN A 421 25.67 -1.31 -2.95
C GLN A 421 26.54 -0.05 -2.80
N ALA A 422 26.38 0.90 -3.71
CA ALA A 422 27.13 2.14 -3.61
C ALA A 422 26.82 2.92 -2.32
N HIS A 423 25.55 2.92 -1.91
CA HIS A 423 25.18 3.55 -0.64
C HIS A 423 25.71 2.79 0.58
N VAL A 424 25.49 1.47 0.59
CA VAL A 424 25.90 0.66 1.73
C VAL A 424 27.40 0.73 2.03
N SER A 425 28.19 0.92 0.99
CA SER A 425 29.65 0.97 1.16
C SER A 425 30.18 2.40 1.29
N SER A 426 29.28 3.38 1.33
CA SER A 426 29.66 4.80 1.41
C SER A 426 29.22 5.44 2.73
N SER A 427 29.97 6.45 3.18
CA SER A 427 29.68 7.10 4.46
C SER A 427 28.86 8.37 4.29
N ASN A 428 28.72 8.83 3.06
CA ASN A 428 28.02 10.08 2.79
C ASN A 428 27.70 10.21 1.30
N TRP A 429 26.99 11.27 0.93
CA TRP A 429 26.65 11.47 -0.48
C TRP A 429 27.86 11.64 -1.38
N ALA A 430 28.91 12.30 -0.90
CA ALA A 430 30.10 12.51 -1.72
C ALA A 430 30.71 11.18 -2.12
N GLU A 431 30.78 10.26 -1.16
CA GLU A 431 31.31 8.92 -1.44
C GLU A 431 30.39 8.14 -2.39
N PHE A 432 29.07 8.25 -2.22
CA PHE A 432 28.16 7.64 -3.18
C PHE A 432 28.43 8.16 -4.61
N GLU A 433 28.60 9.47 -4.74
CA GLU A 433 28.84 10.06 -6.06
C GLU A 433 30.11 9.50 -6.66
N HIS A 434 31.17 9.41 -5.85
CA HIS A 434 32.44 8.88 -6.33
C HIS A 434 32.28 7.43 -6.76
N ALA A 435 31.47 6.69 -6.01
CA ALA A 435 31.22 5.27 -6.27
C ALA A 435 30.28 5.08 -7.47
N SER A 436 29.76 6.18 -7.99
CA SER A 436 28.75 6.10 -9.04
C SER A 436 29.13 6.85 -10.31
N SER A 437 30.39 7.24 -10.44
CA SER A 437 30.79 8.12 -11.54
C SER A 437 30.82 7.39 -12.89
N THR A 438 30.77 6.07 -12.85
CA THR A 438 30.67 5.27 -14.08
C THR A 438 29.48 4.33 -14.00
N TRP A 439 28.40 4.80 -13.41
CA TRP A 439 27.25 3.94 -13.14
C TRP A 439 26.65 3.30 -14.40
N HIS A 440 26.47 4.08 -15.46
CA HIS A 440 25.80 3.52 -16.63
C HIS A 440 26.71 2.60 -17.42
N THR A 441 28.01 2.92 -17.44
CA THR A 441 28.99 2.04 -18.06
C THR A 441 29.01 0.68 -17.37
N GLU A 442 28.97 0.68 -16.04
CA GLU A 442 28.93 -0.59 -15.31
C GLU A 442 27.71 -1.41 -15.69
N LEU A 443 26.56 -0.75 -15.88
CA LEU A 443 25.32 -1.48 -16.16
C LEU A 443 25.22 -2.00 -17.59
N THR A 444 25.93 -1.36 -18.52
CA THR A 444 25.81 -1.76 -19.94
C THR A 444 26.96 -2.60 -20.49
N LYS A 445 27.87 -3.03 -19.62
CA LYS A 445 28.97 -3.91 -20.03
C LYS A 445 28.50 -5.14 -20.82
N THR A 446 29.39 -5.68 -21.64
CA THR A 446 29.10 -6.86 -22.46
C THR A 446 27.93 -6.62 -23.42
N ILE B 3 -29.91 5.16 24.51
CA ILE B 3 -28.61 5.83 24.50
C ILE B 3 -28.71 7.28 24.03
N ASN B 4 -28.18 8.18 24.86
CA ASN B 4 -28.03 9.59 24.51
C ASN B 4 -26.55 9.82 24.23
N ILE B 5 -26.18 10.06 22.98
CA ILE B 5 -24.76 10.18 22.63
C ILE B 5 -24.13 11.50 23.08
N GLN B 6 -24.97 12.46 23.47
CA GLN B 6 -24.44 13.66 24.11
C GLN B 6 -23.92 13.35 25.51
N GLU B 7 -24.57 12.41 26.20
CA GLU B 7 -24.10 11.99 27.53
C GLU B 7 -23.05 10.88 27.44
N ASP B 8 -23.34 9.84 26.64
CA ASP B 8 -22.43 8.72 26.44
C ASP B 8 -21.44 9.14 25.35
N LYS B 9 -20.44 9.92 25.77
CA LYS B 9 -19.58 10.66 24.85
C LYS B 9 -18.80 9.81 23.85
N LEU B 10 -18.59 8.54 24.17
CA LEU B 10 -17.75 7.69 23.32
C LEU B 10 -18.53 6.98 22.23
N VAL B 11 -19.85 7.12 22.24
CA VAL B 11 -20.72 6.35 21.34
C VAL B 11 -21.00 7.10 20.04
N SER B 12 -20.82 6.43 18.90
CA SER B 12 -21.10 7.07 17.62
C SER B 12 -22.59 7.01 17.32
N ALA B 13 -23.05 7.96 16.51
CA ALA B 13 -24.45 7.99 16.08
C ALA B 13 -24.85 6.66 15.44
N HIS B 14 -23.97 6.12 14.60
CA HIS B 14 -24.28 4.86 13.93
C HIS B 14 -24.47 3.72 14.93
N ASP B 15 -23.56 3.58 15.88
CA ASP B 15 -23.67 2.51 16.87
C ASP B 15 -24.93 2.64 17.73
N ALA B 16 -25.30 3.87 18.08
CA ALA B 16 -26.50 4.08 18.87
C ALA B 16 -27.75 3.68 18.09
N GLU B 17 -27.75 3.95 16.79
CA GLU B 17 -28.87 3.57 15.93
C GLU B 17 -29.04 2.05 15.87
N GLU B 18 -27.91 1.34 15.82
CA GLU B 18 -27.94 -0.12 15.69
C GLU B 18 -28.39 -0.82 16.98
N ILE B 19 -28.02 -0.26 18.12
CA ILE B 19 -28.51 -0.74 19.42
C ILE B 19 -30.03 -0.70 19.45
N LEU B 20 -30.59 0.45 19.11
CA LEU B 20 -32.03 0.70 19.15
C LEU B 20 -32.81 -0.38 18.40
N ARG B 21 -32.20 -0.91 17.35
CA ARG B 21 -32.83 -1.89 16.48
C ARG B 21 -33.18 -3.19 17.23
N PHE B 22 -32.32 -3.59 18.15
CA PHE B 22 -32.41 -4.90 18.77
C PHE B 22 -33.03 -4.86 20.15
N PHE B 23 -33.04 -3.68 20.74
CA PHE B 23 -33.63 -3.51 22.06
C PHE B 23 -35.15 -3.58 22.00
N ASN B 24 -35.71 -3.22 20.84
CA ASN B 24 -37.15 -3.16 20.69
C ASN B 24 -37.85 -4.51 20.60
N CYS B 25 -38.38 -4.89 19.44
CA CYS B 25 -39.12 -6.16 19.35
C CYS B 25 -38.25 -7.32 19.33
N HIS B 26 -38.03 -7.90 20.47
CA HIS B 26 -37.24 -9.11 20.56
C HIS B 26 -38.05 -10.36 20.21
N ASP B 27 -37.63 -11.04 19.16
CA ASP B 27 -38.33 -12.21 18.66
C ASP B 27 -37.40 -13.42 18.84
N SER B 28 -37.70 -14.26 19.82
CA SER B 28 -36.84 -15.41 20.13
C SER B 28 -36.62 -16.34 18.93
N ALA B 29 -37.68 -16.60 18.19
CA ALA B 29 -37.62 -17.52 17.05
C ALA B 29 -36.73 -16.96 15.96
N LEU B 30 -36.74 -15.64 15.82
CA LEU B 30 -35.93 -14.97 14.81
C LEU B 30 -34.44 -15.08 15.16
N GLN B 31 -34.12 -14.98 16.45
CA GLN B 31 -32.73 -15.09 16.87
C GLN B 31 -32.22 -16.49 16.58
N GLN B 32 -33.09 -17.47 16.72
CA GLN B 32 -32.72 -18.85 16.42
C GLN B 32 -32.56 -19.13 14.92
N GLU B 33 -33.47 -18.60 14.11
CA GLU B 33 -33.31 -18.69 12.65
C GLU B 33 -31.99 -18.07 12.23
N ALA B 34 -31.68 -16.90 12.78
CA ALA B 34 -30.44 -16.20 12.46
C ALA B 34 -29.22 -17.03 12.84
N THR B 35 -29.29 -17.66 14.01
CA THR B 35 -28.18 -18.48 14.48
C THR B 35 -27.92 -19.64 13.51
N THR B 36 -28.99 -20.28 13.08
CA THR B 36 -28.89 -21.37 12.11
C THR B 36 -28.28 -20.89 10.79
N LEU B 37 -28.80 -19.78 10.28
CA LEU B 37 -28.30 -19.18 9.03
C LEU B 37 -26.81 -18.93 9.09
N LEU B 38 -26.34 -18.34 10.19
CA LEU B 38 -24.94 -17.94 10.31
C LEU B 38 -24.03 -19.15 10.56
N THR B 39 -24.56 -20.13 11.28
CA THR B 39 -23.79 -21.33 11.55
C THR B 39 -23.57 -22.12 10.26
N GLN B 40 -24.61 -22.21 9.44
CA GLN B 40 -24.50 -22.95 8.19
C GLN B 40 -23.60 -22.21 7.20
N GLU B 41 -23.71 -20.88 7.18
CA GLU B 41 -22.84 -20.07 6.34
C GLU B 41 -21.38 -20.30 6.74
N ALA B 42 -21.11 -20.24 8.04
CA ALA B 42 -19.75 -20.43 8.53
C ALA B 42 -19.20 -21.83 8.22
N HIS B 43 -20.08 -22.83 8.25
CA HIS B 43 -19.68 -24.20 7.95
C HIS B 43 -19.25 -24.32 6.48
N LEU B 44 -20.06 -23.78 5.58
CA LEU B 44 -19.73 -23.76 4.16
C LEU B 44 -18.39 -23.07 3.92
N LEU B 45 -18.19 -21.92 4.55
CA LEU B 45 -16.92 -21.20 4.40
C LEU B 45 -15.75 -22.00 4.97
N ASP B 46 -15.95 -22.63 6.13
CA ASP B 46 -14.85 -23.34 6.78
C ASP B 46 -14.34 -24.51 5.96
N ILE B 47 -15.25 -25.16 5.23
CA ILE B 47 -14.84 -26.30 4.43
C ILE B 47 -14.45 -25.85 3.02
N GLN B 48 -14.42 -24.53 2.83
CA GLN B 48 -14.02 -23.89 1.56
C GLN B 48 -14.95 -24.23 0.40
N ALA B 49 -16.22 -24.39 0.72
CA ALA B 49 -17.26 -24.58 -0.30
C ALA B 49 -17.72 -23.22 -0.79
N TYR B 50 -16.82 -22.50 -1.45
CA TYR B 50 -17.08 -21.12 -1.81
C TYR B 50 -18.20 -20.99 -2.84
N ARG B 51 -18.31 -21.94 -3.76
CA ARG B 51 -19.41 -21.90 -4.73
C ARG B 51 -20.74 -22.12 -4.05
N ALA B 52 -20.79 -23.10 -3.15
CA ALA B 52 -22.00 -23.37 -2.38
C ALA B 52 -22.38 -22.16 -1.54
N TRP B 53 -21.39 -21.48 -0.98
CA TRP B 53 -21.65 -20.27 -0.20
C TRP B 53 -22.34 -19.22 -1.06
N LEU B 54 -21.79 -18.96 -2.24
CA LEU B 54 -22.42 -18.01 -3.17
C LEU B 54 -23.84 -18.43 -3.52
N GLU B 55 -24.03 -19.70 -3.83
CA GLU B 55 -25.31 -20.21 -4.30
C GLU B 55 -26.37 -20.20 -3.21
N HIS B 56 -25.95 -20.51 -1.99
CA HIS B 56 -26.90 -20.71 -0.92
C HIS B 56 -27.02 -19.54 0.05
N CYS B 57 -25.96 -18.73 0.17
CA CYS B 57 -25.90 -17.70 1.23
C CYS B 57 -25.89 -16.26 0.76
N VAL B 58 -25.59 -16.03 -0.52
CA VAL B 58 -25.33 -14.67 -0.99
C VAL B 58 -26.33 -14.19 -2.05
N GLY B 59 -26.99 -13.07 -1.77
CA GLY B 59 -27.99 -12.52 -2.67
C GLY B 59 -27.38 -11.84 -3.88
N SER B 60 -28.11 -11.82 -4.99
CA SER B 60 -27.57 -11.22 -6.22
C SER B 60 -27.29 -9.72 -6.03
N GLU B 61 -28.03 -9.07 -5.14
CA GLU B 61 -27.88 -7.63 -4.93
C GLU B 61 -26.92 -7.29 -3.77
N VAL B 62 -26.12 -8.27 -3.35
CA VAL B 62 -25.25 -8.09 -2.18
C VAL B 62 -24.27 -6.92 -2.30
N GLN B 63 -24.04 -6.26 -1.17
CA GLN B 63 -22.85 -5.43 -0.98
C GLN B 63 -22.10 -6.04 0.19
N TYR B 64 -20.87 -6.51 -0.07
CA TYR B 64 -20.05 -7.16 0.94
C TYR B 64 -18.88 -6.22 1.23
N GLN B 65 -18.92 -5.58 2.39
CA GLN B 65 -18.02 -4.44 2.65
C GLN B 65 -17.29 -4.57 3.97
N VAL B 66 -15.97 -4.41 3.92
CA VAL B 66 -15.13 -4.37 5.11
C VAL B 66 -14.29 -3.11 5.00
N ILE B 67 -14.41 -2.22 5.99
CA ILE B 67 -13.64 -0.98 5.95
C ILE B 67 -12.51 -0.93 6.96
N SER B 68 -11.54 -0.07 6.67
CA SER B 68 -10.49 0.28 7.62
C SER B 68 -10.52 1.78 7.79
N ARG B 69 -10.77 2.21 9.03
CA ARG B 69 -10.97 3.60 9.36
C ARG B 69 -9.66 4.22 9.84
N GLU B 70 -9.32 5.38 9.27
CA GLU B 70 -8.09 6.07 9.68
C GLU B 70 -8.20 6.53 11.13
N LEU B 71 -7.11 6.44 11.86
CA LEU B 71 -7.08 6.88 13.26
C LEU B 71 -7.07 8.40 13.32
N ARG B 72 -8.09 8.97 13.97
CA ARG B 72 -8.23 10.42 14.08
C ARG B 72 -8.43 10.80 15.54
N ALA B 73 -8.22 12.07 15.86
CA ALA B 73 -8.35 12.52 17.24
C ALA B 73 -9.82 12.47 17.65
N ALA B 74 -10.07 12.08 18.89
CA ALA B 74 -11.44 12.02 19.37
C ALA B 74 -12.09 13.40 19.33
N SER B 75 -11.26 14.45 19.45
CA SER B 75 -11.74 15.83 19.43
C SER B 75 -11.75 16.45 18.03
N GLU B 76 -11.36 15.70 17.01
CA GLU B 76 -11.26 16.22 15.65
C GLU B 76 -12.59 16.64 15.05
N ARG B 77 -12.60 17.83 14.45
CA ARG B 77 -13.82 18.45 13.93
C ARG B 77 -13.60 19.19 12.61
N ARG B 78 -12.34 19.38 12.22
CA ARG B 78 -12.02 20.17 11.04
C ARG B 78 -11.61 19.35 9.83
N TYR B 79 -10.78 18.34 10.05
CA TYR B 79 -10.26 17.50 8.97
C TYR B 79 -11.34 16.57 8.44
N LYS B 80 -11.74 16.75 7.19
CA LYS B 80 -12.94 16.09 6.66
C LYS B 80 -12.73 15.19 5.43
N LEU B 81 -11.50 14.75 5.20
CA LEU B 81 -11.20 13.91 4.05
C LEU B 81 -11.60 12.48 4.34
N ASN B 82 -11.67 11.65 3.29
CA ASN B 82 -12.06 10.23 3.37
C ASN B 82 -11.66 9.58 4.68
N GLU B 83 -12.66 9.18 5.47
CA GLU B 83 -12.40 8.61 6.79
C GLU B 83 -11.95 7.16 6.73
N ALA B 84 -12.35 6.43 5.69
CA ALA B 84 -12.05 5.02 5.60
C ALA B 84 -11.71 4.58 4.19
N MET B 85 -11.03 3.45 4.07
CA MET B 85 -10.88 2.78 2.78
C MET B 85 -11.63 1.45 2.82
N ASN B 86 -11.89 0.88 1.64
CA ASN B 86 -12.58 -0.41 1.55
C ASN B 86 -11.60 -1.55 1.35
N VAL B 87 -11.45 -2.38 2.39
CA VAL B 87 -10.68 -3.61 2.25
C VAL B 87 -11.47 -4.54 1.32
N TYR B 88 -12.78 -4.60 1.53
CA TYR B 88 -13.73 -5.21 0.60
C TYR B 88 -14.84 -4.21 0.33
N ASN B 89 -15.35 -4.18 -0.89
CA ASN B 89 -16.61 -3.49 -1.20
C ASN B 89 -17.17 -4.11 -2.47
N GLU B 90 -17.69 -5.32 -2.31
CA GLU B 90 -17.94 -6.22 -3.44
C GLU B 90 -19.41 -6.41 -3.76
N ASN B 91 -19.72 -6.36 -5.05
CA ASN B 91 -21.01 -6.84 -5.54
C ASN B 91 -20.90 -8.35 -5.80
N PHE B 92 -21.96 -8.98 -6.26
CA PHE B 92 -21.97 -10.42 -6.46
C PHE B 92 -20.88 -10.85 -7.46
N GLN B 93 -20.74 -10.11 -8.55
CA GLN B 93 -19.77 -10.49 -9.56
C GLN B 93 -18.35 -10.41 -9.03
N GLN B 94 -18.09 -9.43 -8.18
CA GLN B 94 -16.78 -9.27 -7.58
C GLN B 94 -16.48 -10.36 -6.56
N LEU B 95 -17.49 -10.78 -5.81
CA LEU B 95 -17.35 -11.96 -4.95
C LEU B 95 -17.06 -13.20 -5.80
N LYS B 96 -17.73 -13.33 -6.94
CA LYS B 96 -17.50 -14.47 -7.82
C LYS B 96 -16.05 -14.51 -8.33
N VAL B 97 -15.50 -13.35 -8.69
CA VAL B 97 -14.10 -13.26 -9.08
C VAL B 97 -13.21 -13.81 -7.98
N ARG B 98 -13.48 -13.40 -6.73
CA ARG B 98 -12.65 -13.82 -5.62
C ARG B 98 -12.80 -15.32 -5.37
N VAL B 99 -14.01 -15.83 -5.58
CA VAL B 99 -14.26 -17.26 -5.42
C VAL B 99 -13.51 -18.07 -6.49
N GLU B 100 -13.54 -17.59 -7.74
CA GLU B 100 -12.80 -18.26 -8.81
C GLU B 100 -11.30 -18.22 -8.55
N HIS B 101 -10.82 -17.12 -8.00
CA HIS B 101 -9.41 -17.00 -7.65
C HIS B 101 -9.04 -18.04 -6.59
N GLN B 102 -9.92 -18.24 -5.62
CA GLN B 102 -9.69 -19.28 -4.61
C GLN B 102 -9.64 -20.68 -5.21
N LEU B 103 -10.50 -20.94 -6.19
CA LEU B 103 -10.63 -22.29 -6.72
C LEU B 103 -9.68 -22.62 -7.86
N ASP B 104 -8.97 -21.62 -8.36
CA ASP B 104 -8.09 -21.81 -9.52
C ASP B 104 -6.95 -22.76 -9.15
N PRO B 105 -6.70 -23.76 -10.00
CA PRO B 105 -5.67 -24.74 -9.68
C PRO B 105 -4.25 -24.17 -9.77
N GLN B 106 -4.12 -22.94 -10.27
CA GLN B 106 -2.82 -22.26 -10.26
C GLN B 106 -2.72 -21.19 -9.19
N ASN B 107 -3.65 -21.20 -8.24
CA ASN B 107 -3.48 -20.40 -7.05
C ASN B 107 -2.50 -21.14 -6.15
N TRP B 108 -1.23 -20.81 -6.28
CA TRP B 108 -0.17 -21.58 -5.64
C TRP B 108 -0.28 -21.49 -4.12
N GLY B 109 -0.80 -20.38 -3.62
CA GLY B 109 -0.91 -20.15 -2.18
C GLY B 109 -1.86 -21.11 -1.51
N ASN B 110 -2.70 -21.79 -2.28
CA ASN B 110 -3.67 -22.72 -1.72
C ASN B 110 -3.19 -24.17 -1.70
N SER B 111 -1.91 -24.38 -1.93
CA SER B 111 -1.33 -25.71 -1.82
C SER B 111 -0.08 -25.62 -0.96
N PRO B 112 -0.06 -26.35 0.17
CA PRO B 112 -1.08 -27.28 0.67
C PRO B 112 -2.35 -26.56 1.12
N LYS B 113 -3.46 -27.29 1.12
CA LYS B 113 -4.77 -26.72 1.43
C LYS B 113 -4.79 -25.99 2.77
N LEU B 114 -5.40 -24.81 2.78
CA LEU B 114 -5.58 -24.01 3.99
C LEU B 114 -6.55 -24.69 4.96
N ARG B 115 -6.51 -24.28 6.22
CA ARG B 115 -7.48 -24.76 7.20
C ARG B 115 -8.16 -23.58 7.87
N PHE B 116 -9.49 -23.55 7.81
CA PHE B 116 -10.30 -22.48 8.38
C PHE B 116 -11.18 -23.02 9.50
N THR B 117 -11.26 -22.24 10.58
CA THR B 117 -12.20 -22.52 11.67
C THR B 117 -12.81 -21.20 12.12
N ARG B 118 -14.14 -21.11 12.05
CA ARG B 118 -14.87 -19.90 12.41
C ARG B 118 -15.72 -20.07 13.66
N PHE B 119 -15.76 -19.03 14.49
CA PHE B 119 -16.51 -19.07 15.73
C PHE B 119 -17.46 -17.88 15.70
N ILE B 120 -18.76 -18.17 15.64
CA ILE B 120 -19.78 -17.14 15.50
C ILE B 120 -20.51 -17.00 16.83
N THR B 121 -20.58 -15.79 17.36
CA THR B 121 -21.21 -15.56 18.66
C THR B 121 -22.04 -14.28 18.66
N ASN B 122 -22.72 -14.03 19.78
CA ASN B 122 -23.43 -12.77 20.01
C ASN B 122 -24.44 -12.46 18.92
N VAL B 123 -25.18 -13.47 18.47
CA VAL B 123 -26.14 -13.27 17.40
C VAL B 123 -27.36 -12.49 17.89
N GLN B 124 -27.73 -11.45 17.13
CA GLN B 124 -28.95 -10.70 17.36
C GLN B 124 -29.67 -10.55 16.04
N ALA B 125 -30.99 -10.54 16.09
CA ALA B 125 -31.80 -10.46 14.88
C ALA B 125 -33.02 -9.58 15.09
N ALA B 126 -33.36 -8.79 14.08
CA ALA B 126 -34.57 -7.98 14.11
C ALA B 126 -35.04 -7.67 12.71
N MET B 127 -36.34 -7.75 12.48
CA MET B 127 -36.91 -7.40 11.18
C MET B 127 -36.84 -5.89 11.01
N ASP B 128 -36.58 -5.43 9.79
CA ASP B 128 -36.64 -4.01 9.48
C ASP B 128 -38.06 -3.48 9.68
N VAL B 129 -38.16 -2.23 10.15
CA VAL B 129 -39.43 -1.56 10.41
C VAL B 129 -40.24 -1.36 9.13
N ASN B 130 -39.56 -0.88 8.10
CA ASN B 130 -40.22 -0.43 6.89
C ASN B 130 -40.28 -1.50 5.81
N ASP B 131 -39.27 -2.38 5.78
CA ASP B 131 -39.24 -3.49 4.85
C ASP B 131 -39.38 -4.80 5.62
N LYS B 132 -40.62 -5.26 5.77
CA LYS B 132 -40.91 -6.43 6.58
C LYS B 132 -40.31 -7.73 6.04
N GLU B 133 -39.59 -7.64 4.93
CA GLU B 133 -38.89 -8.80 4.37
C GLU B 133 -37.39 -8.70 4.55
N LEU B 134 -36.94 -7.61 5.17
CA LEU B 134 -35.52 -7.40 5.40
C LEU B 134 -35.18 -7.76 6.83
N LEU B 135 -34.27 -8.71 7.00
CA LEU B 135 -33.86 -9.14 8.33
C LEU B 135 -32.48 -8.59 8.68
N HIS B 136 -32.40 -7.84 9.77
CA HIS B 136 -31.11 -7.37 10.28
C HIS B 136 -30.54 -8.41 11.23
N ILE B 137 -29.29 -8.81 10.97
CA ILE B 137 -28.59 -9.74 11.84
C ILE B 137 -27.24 -9.18 12.22
N ARG B 138 -26.95 -9.15 13.52
CA ARG B 138 -25.64 -8.75 14.01
C ARG B 138 -25.00 -9.98 14.62
N SER B 139 -23.70 -10.16 14.38
CA SER B 139 -22.97 -11.25 15.01
C SER B 139 -21.48 -10.93 15.02
N ASN B 140 -20.74 -11.58 15.92
CA ASN B 140 -19.30 -11.42 15.98
C ASN B 140 -18.62 -12.69 15.51
N VAL B 141 -17.45 -12.55 14.87
CA VAL B 141 -16.71 -13.69 14.38
C VAL B 141 -15.26 -13.67 14.87
N ILE B 142 -14.79 -14.83 15.32
CA ILE B 142 -13.36 -15.11 15.41
C ILE B 142 -13.08 -16.07 14.27
N LEU B 143 -12.11 -15.72 13.43
CA LEU B 143 -11.78 -16.55 12.28
C LEU B 143 -10.31 -16.95 12.40
N HIS B 144 -10.08 -18.26 12.44
CA HIS B 144 -8.74 -18.85 12.58
C HIS B 144 -8.34 -19.45 11.23
N ARG B 145 -7.22 -18.97 10.68
CA ARG B 145 -6.68 -19.51 9.43
C ARG B 145 -5.28 -20.08 9.67
N ALA B 146 -5.08 -21.35 9.34
CA ALA B 146 -3.79 -22.00 9.53
C ALA B 146 -3.29 -22.54 8.21
N ARG B 147 -2.00 -22.35 7.94
CA ARG B 147 -1.42 -22.83 6.69
C ARG B 147 0.07 -23.06 6.83
N ARG B 148 0.59 -23.96 6.01
CA ARG B 148 2.03 -24.13 5.82
C ARG B 148 2.82 -24.39 7.09
N GLY B 149 2.25 -25.23 7.96
CA GLY B 149 2.96 -25.74 9.11
C GLY B 149 2.83 -24.84 10.31
N ASN B 150 3.27 -23.60 10.18
CA ASN B 150 3.36 -22.75 11.36
C ASN B 150 2.82 -21.33 11.18
N GLN B 151 2.06 -21.12 10.12
CA GLN B 151 1.41 -19.83 9.95
C GLN B 151 0.01 -19.89 10.56
N VAL B 152 -0.28 -18.97 11.47
CA VAL B 152 -1.57 -18.93 12.14
C VAL B 152 -2.04 -17.49 12.22
N ASP B 153 -3.21 -17.21 11.65
CA ASP B 153 -3.75 -15.86 11.68
C ASP B 153 -5.15 -15.88 12.25
N VAL B 154 -5.40 -15.01 13.21
CA VAL B 154 -6.71 -14.95 13.84
C VAL B 154 -7.32 -13.57 13.66
N PHE B 155 -8.53 -13.56 13.13
CA PHE B 155 -9.26 -12.34 12.83
C PHE B 155 -10.44 -12.21 13.79
N TYR B 156 -10.80 -10.97 14.14
CA TYR B 156 -11.86 -10.68 15.10
C TYR B 156 -12.71 -9.53 14.53
N ALA B 157 -14.02 -9.66 14.52
CA ALA B 157 -14.86 -8.62 13.94
C ALA B 157 -16.30 -8.73 14.35
N ALA B 158 -16.99 -7.60 14.30
CA ALA B 158 -18.44 -7.55 14.45
C ALA B 158 -19.02 -7.36 13.05
N ARG B 159 -20.11 -8.06 12.76
CA ARG B 159 -20.72 -8.01 11.43
C ARG B 159 -22.13 -7.48 11.49
N GLU B 160 -22.40 -6.41 10.72
CA GLU B 160 -23.75 -5.89 10.59
C GLU B 160 -24.31 -6.36 9.25
N ASP B 161 -25.25 -7.31 9.29
CA ASP B 161 -25.80 -7.93 8.09
C ASP B 161 -27.22 -7.52 7.84
N LYS B 162 -27.61 -7.54 6.57
CA LYS B 162 -29.00 -7.58 6.15
C LYS B 162 -29.19 -8.85 5.32
N TRP B 163 -30.22 -9.61 5.65
CA TRP B 163 -30.54 -10.83 4.91
C TRP B 163 -31.98 -10.72 4.39
N LYS B 164 -32.23 -11.26 3.21
CA LYS B 164 -33.57 -11.19 2.61
C LYS B 164 -33.89 -12.48 1.86
N ARG B 165 -35.15 -12.90 1.87
CA ARG B 165 -35.55 -14.11 1.14
C ARG B 165 -35.40 -13.98 -0.36
N GLY B 166 -34.69 -14.93 -0.97
CA GLY B 166 -34.46 -14.93 -2.41
C GLY B 166 -35.07 -16.14 -3.10
N GLU B 167 -34.34 -16.65 -4.10
CA GLU B 167 -34.78 -17.79 -4.89
C GLU B 167 -35.12 -18.97 -3.98
N GLY B 168 -36.30 -19.56 -4.20
CA GLY B 168 -36.75 -20.70 -3.40
C GLY B 168 -37.13 -20.35 -1.98
N GLY B 169 -37.19 -19.04 -1.67
CA GLY B 169 -37.55 -18.60 -0.34
C GLY B 169 -36.38 -18.66 0.63
N VAL B 170 -35.19 -18.94 0.12
CA VAL B 170 -34.00 -19.04 0.97
C VAL B 170 -33.49 -17.66 1.35
N ARG B 171 -33.30 -17.42 2.65
CA ARG B 171 -32.74 -16.16 3.14
C ARG B 171 -31.28 -16.02 2.73
N LYS B 172 -30.94 -14.90 2.10
CA LYS B 172 -29.59 -14.70 1.63
C LYS B 172 -29.05 -13.34 2.04
N LEU B 173 -27.73 -13.27 2.16
CA LEU B 173 -27.03 -12.05 2.53
C LEU B 173 -27.16 -10.99 1.44
N VAL B 174 -27.74 -9.84 1.78
CA VAL B 174 -27.80 -8.73 0.83
C VAL B 174 -26.89 -7.57 1.22
N GLN B 175 -26.44 -7.55 2.47
CA GLN B 175 -25.40 -6.60 2.88
C GLN B 175 -24.65 -7.14 4.07
N ARG B 176 -23.33 -7.07 4.02
CA ARG B 176 -22.51 -7.27 5.21
C ARG B 176 -21.62 -6.06 5.35
N PHE B 177 -21.60 -5.47 6.54
CA PHE B 177 -20.73 -4.36 6.84
C PHE B 177 -19.89 -4.70 8.07
N VAL B 178 -18.57 -4.58 7.90
CA VAL B 178 -17.62 -4.76 8.98
C VAL B 178 -16.70 -3.55 9.02
N ASP B 179 -16.54 -2.98 10.20
CA ASP B 179 -15.56 -1.93 10.44
C ASP B 179 -14.41 -2.62 11.15
N TYR B 180 -13.33 -2.96 10.43
CA TYR B 180 -12.34 -3.87 11.02
C TYR B 180 -11.64 -3.21 12.20
N PRO B 181 -11.56 -3.91 13.34
CA PRO B 181 -11.12 -3.20 14.55
C PRO B 181 -9.62 -2.89 14.63
N GLU B 182 -8.80 -3.65 13.90
CA GLU B 182 -7.35 -3.41 13.94
C GLU B 182 -6.95 -2.56 12.73
N ARG B 183 -6.29 -1.44 12.98
CA ARG B 183 -5.93 -0.54 11.90
C ARG B 183 -4.79 -1.11 11.04
N ILE B 184 -3.74 -1.61 11.69
CA ILE B 184 -2.64 -2.24 10.96
C ILE B 184 -2.79 -3.75 11.10
N LEU B 185 -3.02 -4.43 9.98
CA LEU B 185 -3.21 -5.88 10.02
C LEU B 185 -1.91 -6.61 10.37
N GLN B 186 -2.00 -7.57 11.29
CA GLN B 186 -0.86 -8.39 11.68
C GLN B 186 -1.09 -9.85 11.30
N THR B 187 -1.79 -10.05 10.18
CA THR B 187 -2.22 -11.37 9.74
C THR B 187 -1.79 -11.66 8.30
N HIS B 188 -0.73 -10.97 7.84
CA HIS B 188 -0.21 -11.07 6.46
C HIS B 188 -1.11 -10.44 5.39
N ASN B 189 -2.42 -10.62 5.54
CA ASN B 189 -3.40 -10.04 4.62
C ASN B 189 -4.79 -10.19 5.24
N LEU B 190 -5.82 -9.68 4.59
CA LEU B 190 -7.20 -9.91 5.06
C LEU B 190 -7.96 -10.77 4.04
N MET B 191 -7.26 -11.72 3.44
CA MET B 191 -7.83 -12.57 2.40
C MET B 191 -8.72 -13.67 2.94
N VAL B 192 -9.65 -13.32 3.80
CA VAL B 192 -10.62 -14.28 4.35
C VAL B 192 -11.98 -13.63 4.25
N PHE B 193 -13.01 -14.44 4.10
CA PHE B 193 -14.37 -13.92 4.08
C PHE B 193 -14.88 -13.86 5.51
N LEU B 194 -14.89 -12.66 6.06
CA LEU B 194 -15.46 -12.44 7.38
C LEU B 194 -16.97 -12.55 7.31
#